data_5LJW
#
_entry.id   5LJW
#
_cell.length_a   72.572
_cell.length_b   71.803
_cell.length_c   79.761
_cell.angle_alpha   90.00
_cell.angle_beta   98.41
_cell.angle_gamma   90.00
#
_symmetry.space_group_name_H-M   'P 1 21 1'
#
loop_
_entity.id
_entity.type
_entity.pdbx_description
1 polymer 'Actin-like ATPase'
2 non-polymer 'MAGNESIUM ION'
3 non-polymer 'PHOSPHOAMINOPHOSPHONIC ACID-ADENYLATE ESTER'
4 water water
#
_entity_poly.entity_id   1
_entity_poly.type   'polypeptide(L)'
_entity_poly.pdbx_seq_one_letter_code
;MSEGEGQAKNRLFLGVDLGTSHTAVMSSRGKKFLLKSVVGYPKDVIGLKLLGRPYVVGDEAFEMRSYLDIRYPLQDGVLS
EISDRDIEVARHLLTHVVKSAEPGPNDEICAVIGVPARASAANKALLLKMAQEVVHTALVVSEPFMVGYGLDKLINTIIV
DIGAGTTDICALKGTVPGPEDQVTLTKAGNYVDERLQNAILERHPELQMNVNVACAVKEQFSFVGTPTEVASFEFRAAGK
PVRADVTEPVKIACEALMPDIIESIETLLRSFQPEYQDTVLQNIVFAGGGSRIRGLAAYVKEKLRPFGDANVTCVKDPTF
DGCRGALRLAEELPPQYWRQLGDVSGS
;
_entity_poly.pdbx_strand_id   A,B
#
# COMPACT_ATOMS: atom_id res chain seq x y z
N GLY A 4 8.75 -41.42 -9.39
CA GLY A 4 8.18 -40.16 -9.84
C GLY A 4 8.49 -38.97 -8.92
N GLU A 5 9.68 -38.98 -8.32
CA GLU A 5 10.12 -37.85 -7.49
C GLU A 5 10.18 -36.53 -8.26
N GLY A 6 10.82 -36.57 -9.43
CA GLY A 6 10.91 -35.39 -10.27
C GLY A 6 9.58 -34.69 -10.46
N GLN A 7 8.57 -35.46 -10.85
CA GLN A 7 7.24 -34.96 -11.12
C GLN A 7 6.55 -34.34 -9.89
N ALA A 8 6.80 -34.89 -8.70
CA ALA A 8 6.21 -34.35 -7.47
C ALA A 8 6.88 -33.04 -7.05
N LYS A 9 8.20 -33.04 -7.11
CA LYS A 9 9.03 -31.93 -6.69
C LYS A 9 9.10 -30.78 -7.68
N ASN A 10 8.99 -31.07 -8.96
CA ASN A 10 9.25 -30.07 -9.99
C ASN A 10 7.93 -29.56 -10.51
N ARG A 11 7.12 -29.06 -9.59
CA ARG A 11 5.79 -28.57 -9.92
C ARG A 11 5.67 -27.16 -9.36
N LEU A 12 5.23 -26.22 -10.20
CA LEU A 12 5.00 -24.83 -9.79
C LEU A 12 3.52 -24.53 -10.01
N PHE A 13 2.82 -24.11 -8.96
CA PHE A 13 1.40 -23.70 -9.11
C PHE A 13 1.31 -22.18 -9.24
N LEU A 14 0.39 -21.74 -10.10
CA LEU A 14 0.12 -20.32 -10.30
C LEU A 14 -1.37 -20.07 -10.16
N GLY A 15 -1.71 -18.98 -9.47
CA GLY A 15 -3.05 -18.42 -9.47
C GLY A 15 -2.96 -17.16 -10.28
N VAL A 16 -3.75 -17.10 -11.35
CA VAL A 16 -3.73 -15.97 -12.26
C VAL A 16 -5.12 -15.33 -12.35
N ASP A 17 -5.21 -14.08 -11.91
CA ASP A 17 -6.42 -13.28 -12.04
C ASP A 17 -6.21 -12.52 -13.34
N LEU A 18 -6.69 -13.07 -14.45
CA LEU A 18 -6.50 -12.50 -15.77
C LEU A 18 -7.67 -11.56 -16.11
N GLY A 19 -7.56 -10.32 -15.63
CA GLY A 19 -8.63 -9.35 -15.76
C GLY A 19 -8.52 -8.46 -16.97
N THR A 20 -9.59 -7.69 -17.17
CA THR A 20 -9.68 -6.75 -18.27
C THR A 20 -8.64 -5.65 -18.14
N SER A 21 -8.51 -5.08 -16.96
CA SER A 21 -7.59 -3.94 -16.77
C SER A 21 -6.26 -4.35 -16.14
N HIS A 22 -6.27 -5.38 -15.32
CA HIS A 22 -5.08 -5.81 -14.58
C HIS A 22 -5.00 -7.32 -14.50
N THR A 23 -3.76 -7.82 -14.51
CA THR A 23 -3.48 -9.23 -14.22
C THR A 23 -2.68 -9.31 -12.92
N ALA A 24 -3.16 -10.13 -12.00
CA ALA A 24 -2.55 -10.36 -10.70
C ALA A 24 -2.17 -11.84 -10.62
N VAL A 25 -0.96 -12.09 -10.13
CA VAL A 25 -0.38 -13.43 -10.10
C VAL A 25 0.19 -13.75 -8.71
N MET A 26 -0.10 -14.94 -8.20
CA MET A 26 0.64 -15.50 -7.05
C MET A 26 1.10 -16.91 -7.36
N SER A 27 2.28 -17.28 -6.90
CA SER A 27 2.82 -18.61 -7.20
C SER A 27 2.99 -19.36 -5.88
N SER A 28 3.08 -20.68 -5.99
CA SER A 28 3.24 -21.54 -4.82
C SER A 28 4.60 -21.33 -4.15
N ARG A 29 5.50 -20.62 -4.82
CA ARG A 29 6.79 -20.27 -4.20
C ARG A 29 6.84 -18.85 -3.65
N GLY A 30 5.69 -18.17 -3.64
CA GLY A 30 5.57 -16.88 -2.96
C GLY A 30 5.68 -15.66 -3.86
N LYS A 31 5.76 -15.85 -5.18
CA LYS A 31 5.75 -14.68 -6.05
C LYS A 31 4.39 -14.01 -5.94
N LYS A 32 4.35 -12.68 -6.00
CA LYS A 32 3.09 -11.95 -5.92
C LYS A 32 3.27 -10.66 -6.71
N PHE A 33 2.59 -10.50 -7.84
CA PHE A 33 2.75 -9.28 -8.61
C PHE A 33 1.53 -8.91 -9.42
N LEU A 34 1.52 -7.63 -9.82
CA LEU A 34 0.42 -7.00 -10.52
C LEU A 34 0.90 -6.30 -11.74
N LEU A 35 0.13 -6.39 -12.82
CA LEU A 35 0.44 -5.60 -14.01
C LEU A 35 -0.81 -5.26 -14.77
N LYS A 36 -0.75 -4.21 -15.58
CA LYS A 36 -1.85 -3.88 -16.47
C LYS A 36 -1.96 -4.96 -17.55
N SER A 37 -3.20 -5.35 -17.88
CA SER A 37 -3.43 -6.39 -18.87
C SER A 37 -3.31 -5.88 -20.32
N VAL A 38 -2.09 -5.50 -20.70
CA VAL A 38 -1.91 -4.76 -21.94
C VAL A 38 -0.59 -5.17 -22.53
N VAL A 39 -0.52 -5.23 -23.85
CA VAL A 39 0.71 -5.57 -24.56
C VAL A 39 0.91 -4.43 -25.56
N GLY A 40 2.16 -4.02 -25.73
CA GLY A 40 2.46 -2.86 -26.58
C GLY A 40 3.39 -3.31 -27.69
N TYR A 41 3.05 -2.96 -28.93
CA TYR A 41 3.76 -3.41 -30.10
C TYR A 41 4.40 -2.23 -30.80
N PRO A 42 5.57 -2.44 -31.39
CA PRO A 42 6.18 -1.37 -32.16
C PRO A 42 5.32 -1.02 -33.38
N LYS A 43 5.29 0.26 -33.71
CA LYS A 43 4.45 0.79 -34.80
C LYS A 43 5.06 0.53 -36.18
N ASP A 44 6.36 0.30 -36.22
CA ASP A 44 7.06 0.15 -37.48
C ASP A 44 8.39 -0.46 -37.21
N VAL A 45 9.22 -0.60 -38.23
CA VAL A 45 10.45 -1.35 -38.07
C VAL A 45 11.46 -0.60 -37.21
N ILE A 46 11.37 0.72 -37.25
CA ILE A 46 12.22 1.58 -36.44
C ILE A 46 11.85 1.46 -34.95
N GLY A 47 10.55 1.50 -34.68
CA GLY A 47 10.04 1.23 -33.33
C GLY A 47 10.55 -0.08 -32.80
N LEU A 48 10.66 -1.07 -33.68
CA LEU A 48 11.07 -2.39 -33.28
C LEU A 48 12.54 -2.38 -32.88
N LYS A 49 13.33 -1.66 -33.67
CA LYS A 49 14.74 -1.43 -33.34
C LYS A 49 14.86 -0.68 -32.01
N LEU A 50 14.12 0.42 -31.87
CA LEU A 50 14.12 1.20 -30.62
C LEU A 50 13.75 0.36 -29.40
N LEU A 51 12.80 -0.55 -29.59
CA LEU A 51 12.28 -1.32 -28.48
C LEU A 51 13.21 -2.48 -28.09
N GLY A 52 13.98 -2.99 -29.05
CA GLY A 52 14.91 -4.07 -28.77
C GLY A 52 14.28 -5.41 -28.49
N ARG A 53 12.96 -5.46 -28.63
CA ARG A 53 12.22 -6.69 -28.43
C ARG A 53 10.90 -6.57 -29.19
N PRO A 54 10.24 -7.71 -29.45
CA PRO A 54 9.08 -7.65 -30.35
C PRO A 54 7.83 -7.00 -29.74
N TYR A 55 7.77 -6.96 -28.41
CA TYR A 55 6.67 -6.27 -27.73
C TYR A 55 7.06 -6.04 -26.27
N VAL A 56 6.35 -5.17 -25.58
CA VAL A 56 6.52 -5.02 -24.13
C VAL A 56 5.15 -5.27 -23.49
N VAL A 57 5.15 -5.64 -22.22
CA VAL A 57 3.94 -6.13 -21.58
C VAL A 57 3.75 -5.40 -20.26
N GLY A 58 2.52 -5.02 -19.94
CA GLY A 58 2.25 -4.53 -18.60
C GLY A 58 2.43 -3.04 -18.42
N ASP A 59 2.81 -2.64 -17.22
CA ASP A 59 2.80 -1.22 -16.87
C ASP A 59 3.65 -0.39 -17.84
N GLU A 60 4.80 -0.90 -18.23
CA GLU A 60 5.66 -0.13 -19.14
C GLU A 60 5.07 -0.03 -20.54
N ALA A 61 4.30 -1.03 -20.99
CA ALA A 61 3.55 -0.85 -22.25
C ALA A 61 2.58 0.31 -22.15
N PHE A 62 1.88 0.40 -21.03
CA PHE A 62 0.92 1.48 -20.84
C PHE A 62 1.66 2.83 -20.78
N GLU A 63 2.75 2.84 -20.05
CA GLU A 63 3.54 4.07 -19.88
C GLU A 63 4.02 4.63 -21.21
N MET A 64 4.40 3.72 -22.09
CA MET A 64 4.92 4.08 -23.39
C MET A 64 3.89 4.08 -24.50
N ARG A 65 2.62 4.15 -24.14
CA ARG A 65 1.58 3.92 -25.14
C ARG A 65 1.58 4.97 -26.27
N SER A 66 2.07 6.18 -26.01
CA SER A 66 2.12 7.20 -27.07
C SER A 66 3.07 6.77 -28.21
N TYR A 67 3.98 5.86 -27.90
CA TYR A 67 4.99 5.42 -28.87
C TYR A 67 4.73 4.03 -29.44
N LEU A 68 3.63 3.42 -29.00
CA LEU A 68 3.35 2.01 -29.30
C LEU A 68 1.92 1.83 -29.74
N ASP A 69 1.64 0.65 -30.29
CA ASP A 69 0.27 0.22 -30.52
C ASP A 69 -0.09 -0.73 -29.40
N ILE A 70 -0.94 -0.29 -28.47
CA ILE A 70 -1.19 -1.10 -27.28
C ILE A 70 -2.51 -1.82 -27.43
N ARG A 71 -2.56 -3.02 -26.89
CA ARG A 71 -3.72 -3.86 -27.01
C ARG A 71 -4.05 -4.47 -25.65
N TYR A 72 -5.32 -4.31 -25.29
CA TYR A 72 -5.90 -4.95 -24.14
C TYR A 72 -6.70 -6.15 -24.61
N PRO A 73 -6.16 -7.37 -24.50
CA PRO A 73 -6.85 -8.47 -25.16
C PRO A 73 -8.19 -8.87 -24.54
N LEU A 74 -8.36 -8.61 -23.24
CA LEU A 74 -9.68 -8.79 -22.65
C LEU A 74 -10.41 -7.47 -22.78
N GLN A 75 -10.91 -7.30 -24.01
CA GLN A 75 -11.65 -6.15 -24.44
C GLN A 75 -12.86 -6.01 -23.55
N ASP A 76 -12.85 -4.93 -22.76
CA ASP A 76 -13.76 -4.72 -21.62
C ASP A 76 -15.15 -5.34 -21.81
N GLY A 77 -15.21 -6.67 -21.74
CA GLY A 77 -16.47 -7.36 -21.67
C GLY A 77 -16.26 -8.64 -20.89
N VAL A 78 -15.71 -9.71 -21.49
CA VAL A 78 -15.55 -9.97 -22.93
C VAL A 78 -16.66 -9.42 -23.89
N LEU A 79 -16.26 -8.84 -25.04
CA LEU A 79 -17.19 -8.06 -25.89
C LEU A 79 -17.65 -8.51 -27.34
N SER A 80 -17.54 -9.75 -27.82
CA SER A 80 -17.18 -10.96 -27.10
C SER A 80 -16.12 -11.78 -27.86
N GLU A 81 -16.45 -12.44 -28.97
CA GLU A 81 -15.57 -13.52 -29.46
C GLU A 81 -14.18 -12.99 -29.70
N ILE A 82 -13.21 -13.62 -29.07
CA ILE A 82 -11.85 -13.15 -29.17
C ILE A 82 -11.26 -13.61 -30.49
N SER A 83 -10.69 -12.64 -31.20
CA SER A 83 -10.15 -12.91 -32.53
C SER A 83 -8.89 -13.73 -32.48
N ASP A 84 -8.49 -14.27 -33.63
CA ASP A 84 -7.19 -14.92 -33.72
C ASP A 84 -6.09 -13.94 -33.32
N ARG A 85 -6.21 -12.68 -33.71
CA ARG A 85 -5.14 -11.73 -33.39
C ARG A 85 -5.07 -11.54 -31.88
N ASP A 86 -6.22 -11.35 -31.26
CA ASP A 86 -6.24 -11.07 -29.85
C ASP A 86 -5.91 -12.28 -29.00
N ILE A 87 -6.10 -13.49 -29.53
CA ILE A 87 -5.65 -14.67 -28.80
C ILE A 87 -4.11 -14.65 -28.75
N GLU A 88 -3.45 -14.21 -29.82
CA GLU A 88 -2.00 -14.06 -29.80
C GLU A 88 -1.58 -12.99 -28.82
N VAL A 89 -2.33 -11.88 -28.76
CA VAL A 89 -2.04 -10.84 -27.76
C VAL A 89 -2.15 -11.42 -26.36
N ALA A 90 -3.13 -12.29 -26.12
CA ALA A 90 -3.32 -12.86 -24.80
C ALA A 90 -2.18 -13.84 -24.51
N ARG A 91 -1.70 -14.54 -25.53
CA ARG A 91 -0.55 -15.44 -25.38
C ARG A 91 0.69 -14.66 -24.93
N HIS A 92 0.92 -13.51 -25.56
CA HIS A 92 2.05 -12.67 -25.18
C HIS A 92 1.93 -12.20 -23.72
N LEU A 93 0.73 -11.77 -23.33
CA LEU A 93 0.48 -11.36 -21.95
C LEU A 93 0.73 -12.54 -21.01
N LEU A 94 0.16 -13.71 -21.29
CA LEU A 94 0.25 -14.80 -20.34
C LEU A 94 1.67 -15.35 -20.32
N THR A 95 2.32 -15.38 -21.48
CA THR A 95 3.71 -15.83 -21.55
C THR A 95 4.57 -14.95 -20.66
N HIS A 96 4.34 -13.65 -20.74
CA HIS A 96 5.09 -12.71 -19.90
C HIS A 96 4.80 -12.91 -18.39
N VAL A 97 3.55 -13.11 -18.00
CA VAL A 97 3.26 -13.30 -16.57
C VAL A 97 3.89 -14.59 -16.06
N VAL A 98 3.85 -15.65 -16.87
CA VAL A 98 4.43 -16.91 -16.46
C VAL A 98 5.95 -16.77 -16.33
N LYS A 99 6.59 -16.14 -17.31
CA LYS A 99 8.03 -15.85 -17.21
C LYS A 99 8.35 -15.04 -15.94
N SER A 100 7.50 -14.09 -15.58
CA SER A 100 7.76 -13.24 -14.43
C SER A 100 7.58 -14.00 -13.12
N ALA A 101 6.95 -15.18 -13.17
CA ALA A 101 6.85 -16.04 -12.00
C ALA A 101 8.12 -16.89 -11.79
N GLU A 102 9.06 -16.78 -12.72
CA GLU A 102 10.37 -17.43 -12.65
C GLU A 102 10.32 -18.94 -12.41
N PRO A 103 9.70 -19.67 -13.33
CA PRO A 103 9.74 -21.13 -13.23
C PRO A 103 11.13 -21.63 -13.51
N GLY A 104 11.47 -22.78 -12.97
CA GLY A 104 12.73 -23.43 -13.29
C GLY A 104 12.58 -24.22 -14.57
N PRO A 105 13.70 -24.63 -15.16
CA PRO A 105 13.64 -25.32 -16.45
C PRO A 105 13.08 -26.74 -16.34
N ASN A 106 12.97 -27.27 -15.12
CA ASN A 106 12.37 -28.59 -14.91
C ASN A 106 10.93 -28.50 -14.43
N ASP A 107 10.44 -27.29 -14.19
CA ASP A 107 9.10 -27.14 -13.59
C ASP A 107 7.93 -27.50 -14.53
N GLU A 108 7.02 -28.31 -14.01
CA GLU A 108 5.69 -28.46 -14.58
C GLU A 108 4.80 -27.36 -14.00
N ILE A 109 4.39 -26.44 -14.86
CA ILE A 109 3.64 -25.24 -14.44
C ILE A 109 2.16 -25.54 -14.54
N CYS A 110 1.46 -25.43 -13.41
CA CYS A 110 0.04 -25.78 -13.32
C CYS A 110 -0.72 -24.52 -12.89
N ALA A 111 -1.58 -23.99 -13.75
CA ALA A 111 -2.18 -22.66 -13.48
C ALA A 111 -3.70 -22.69 -13.45
N VAL A 112 -4.27 -22.07 -12.41
CA VAL A 112 -5.70 -21.75 -12.40
C VAL A 112 -5.79 -20.30 -12.82
N ILE A 113 -6.58 -20.08 -13.86
CA ILE A 113 -6.68 -18.80 -14.52
C ILE A 113 -8.12 -18.31 -14.44
N GLY A 114 -8.33 -17.24 -13.66
CA GLY A 114 -9.63 -16.63 -13.53
C GLY A 114 -9.86 -15.59 -14.61
N VAL A 115 -11.03 -15.63 -15.21
CA VAL A 115 -11.34 -14.73 -16.30
C VAL A 115 -12.64 -14.01 -16.06
N PRO A 116 -12.88 -12.92 -16.80
CA PRO A 116 -14.10 -12.16 -16.57
C PRO A 116 -15.35 -13.00 -16.60
N ALA A 117 -16.28 -12.63 -15.72
CA ALA A 117 -17.49 -13.41 -15.46
C ALA A 117 -18.29 -13.72 -16.69
N ARG A 118 -18.38 -12.79 -17.63
CA ARG A 118 -19.32 -12.98 -18.72
C ARG A 118 -18.62 -13.56 -19.94
N ALA A 119 -17.35 -13.90 -19.80
CA ALA A 119 -16.62 -14.56 -20.89
C ALA A 119 -17.42 -15.74 -21.40
N SER A 120 -17.67 -15.76 -22.72
CA SER A 120 -18.40 -16.86 -23.31
C SER A 120 -17.67 -18.17 -23.12
N ALA A 121 -18.42 -19.26 -23.21
CA ALA A 121 -17.85 -20.60 -23.23
C ALA A 121 -16.78 -20.71 -24.31
N ALA A 122 -17.10 -20.22 -25.50
CA ALA A 122 -16.15 -20.28 -26.61
C ALA A 122 -14.85 -19.52 -26.23
N ASN A 123 -14.98 -18.33 -25.67
CA ASN A 123 -13.79 -17.58 -25.26
C ASN A 123 -13.02 -18.26 -24.11
N LYS A 124 -13.70 -18.86 -23.14
CA LYS A 124 -13.01 -19.61 -22.10
C LYS A 124 -12.30 -20.80 -22.69
N ALA A 125 -12.90 -21.42 -23.70
CA ALA A 125 -12.26 -22.55 -24.38
C ALA A 125 -11.02 -22.09 -25.17
N LEU A 126 -11.14 -20.96 -25.84
CA LEU A 126 -10.02 -20.39 -26.57
C LEU A 126 -8.88 -20.03 -25.63
N LEU A 127 -9.22 -19.44 -24.50
CA LEU A 127 -8.19 -19.04 -23.52
C LEU A 127 -7.54 -20.28 -22.88
N LEU A 128 -8.33 -21.34 -22.67
CA LEU A 128 -7.79 -22.58 -22.16
C LEU A 128 -6.82 -23.21 -23.14
N LYS A 129 -7.16 -23.20 -24.43
CA LYS A 129 -6.28 -23.82 -25.44
C LYS A 129 -4.96 -23.05 -25.54
N MET A 130 -5.08 -21.73 -25.58
CA MET A 130 -3.90 -20.86 -25.58
C MET A 130 -3.07 -21.10 -24.29
N ALA A 131 -3.73 -21.14 -23.14
CA ALA A 131 -3.02 -21.31 -21.88
C ALA A 131 -2.21 -22.61 -21.85
N GLN A 132 -2.75 -23.69 -22.39
CA GLN A 132 -2.04 -24.96 -22.32
C GLN A 132 -0.99 -25.06 -23.41
N GLU A 133 -0.80 -23.97 -24.14
CA GLU A 133 0.36 -23.81 -25.01
C GLU A 133 1.44 -22.98 -24.32
N VAL A 134 1.16 -22.47 -23.13
CA VAL A 134 2.09 -21.61 -22.40
C VAL A 134 2.53 -22.29 -21.10
N VAL A 135 1.59 -22.91 -20.40
CA VAL A 135 1.86 -23.72 -19.23
C VAL A 135 1.50 -25.18 -19.52
N HIS A 136 1.88 -26.08 -18.62
CA HIS A 136 1.72 -27.50 -18.83
C HIS A 136 0.28 -27.92 -18.59
N THR A 137 -0.30 -27.46 -17.48
CA THR A 137 -1.70 -27.76 -17.16
C THR A 137 -2.41 -26.48 -16.73
N ALA A 138 -3.60 -26.23 -17.28
CA ALA A 138 -4.38 -25.05 -16.91
C ALA A 138 -5.83 -25.38 -16.71
N LEU A 139 -6.47 -24.58 -15.87
CA LEU A 139 -7.87 -24.66 -15.59
C LEU A 139 -8.36 -23.21 -15.64
N VAL A 140 -9.37 -22.94 -16.45
CA VAL A 140 -9.95 -21.61 -16.60
C VAL A 140 -11.24 -21.58 -15.81
N VAL A 141 -11.40 -20.59 -14.92
CA VAL A 141 -12.57 -20.46 -14.08
C VAL A 141 -13.05 -19.00 -14.14
N SER A 142 -14.31 -18.76 -13.77
CA SER A 142 -14.84 -17.40 -13.74
C SER A 142 -14.36 -16.65 -12.49
N GLU A 143 -14.25 -15.33 -12.62
CA GLU A 143 -13.80 -14.50 -11.52
C GLU A 143 -14.60 -14.70 -10.22
N PRO A 144 -15.94 -14.70 -10.29
CA PRO A 144 -16.68 -14.80 -9.02
C PRO A 144 -16.46 -16.15 -8.32
N PHE A 145 -16.28 -17.20 -9.11
CA PHE A 145 -15.92 -18.47 -8.51
C PHE A 145 -14.59 -18.42 -7.75
N MET A 146 -13.58 -17.84 -8.40
CA MET A 146 -12.27 -17.69 -7.81
C MET A 146 -12.37 -16.87 -6.51
N VAL A 147 -13.14 -15.79 -6.56
CA VAL A 147 -13.27 -14.96 -5.37
C VAL A 147 -13.99 -15.72 -4.26
N GLY A 148 -15.08 -16.40 -4.62
CA GLY A 148 -15.83 -17.20 -3.68
C GLY A 148 -14.96 -18.29 -3.07
N TYR A 149 -14.16 -18.95 -3.91
CA TYR A 149 -13.33 -20.08 -3.46
C TYR A 149 -12.37 -19.63 -2.37
N GLY A 150 -11.76 -18.45 -2.56
CA GLY A 150 -10.79 -17.95 -1.59
C GLY A 150 -11.42 -17.62 -0.24
N LEU A 151 -12.70 -17.32 -0.23
CA LEU A 151 -13.44 -17.05 1.01
C LEU A 151 -14.14 -18.28 1.58
N ASP A 152 -13.94 -19.42 0.93
CA ASP A 152 -14.66 -20.65 1.27
C ASP A 152 -16.16 -20.41 1.17
N LYS A 153 -16.57 -19.63 0.18
CA LYS A 153 -17.98 -19.30 -0.05
C LYS A 153 -18.36 -19.71 -1.45
N LEU A 154 -18.79 -20.95 -1.61
CA LEU A 154 -19.12 -21.48 -2.92
C LEU A 154 -20.56 -21.79 -3.12
N ILE A 155 -21.32 -21.78 -2.04
CA ILE A 155 -22.76 -21.94 -2.15
C ILE A 155 -23.48 -20.92 -1.29
N ASN A 156 -24.75 -20.66 -1.64
CA ASN A 156 -25.55 -19.73 -0.88
C ASN A 156 -24.85 -18.40 -0.67
N THR A 157 -24.32 -17.87 -1.77
CA THR A 157 -23.49 -16.67 -1.71
C THR A 157 -23.83 -15.82 -2.90
N ILE A 158 -23.75 -14.50 -2.72
CA ILE A 158 -23.86 -13.58 -3.84
C ILE A 158 -22.64 -12.65 -3.80
N ILE A 159 -21.96 -12.58 -4.95
CA ILE A 159 -20.80 -11.74 -5.14
C ILE A 159 -21.18 -10.55 -5.96
N VAL A 160 -20.93 -9.36 -5.43
CA VAL A 160 -21.17 -8.13 -6.14
C VAL A 160 -19.81 -7.50 -6.46
N ASP A 161 -19.42 -7.58 -7.73
CA ASP A 161 -18.11 -7.14 -8.17
C ASP A 161 -18.23 -5.79 -8.89
N ILE A 162 -17.90 -4.71 -8.19
CA ILE A 162 -18.01 -3.37 -8.74
C ILE A 162 -16.70 -2.95 -9.39
N GLY A 163 -16.70 -2.91 -10.72
CA GLY A 163 -15.51 -2.54 -11.46
C GLY A 163 -15.66 -1.14 -12.04
N ALA A 164 -15.02 -0.91 -13.19
CA ALA A 164 -15.05 0.38 -13.89
C ALA A 164 -16.20 0.43 -14.90
N GLY A 165 -16.19 -0.51 -15.84
CA GLY A 165 -17.21 -0.53 -16.89
C GLY A 165 -18.51 -1.25 -16.49
N THR A 166 -18.40 -2.25 -15.64
CA THR A 166 -19.55 -3.02 -15.23
C THR A 166 -19.50 -3.35 -13.74
N THR A 167 -20.70 -3.54 -13.16
CA THR A 167 -20.82 -4.23 -11.90
C THR A 167 -21.36 -5.61 -12.22
N ASP A 168 -20.60 -6.65 -11.87
CA ASP A 168 -20.95 -8.02 -12.19
C ASP A 168 -21.39 -8.73 -10.92
N ILE A 169 -22.61 -9.23 -10.95
CA ILE A 169 -23.22 -9.82 -9.76
C ILE A 169 -23.56 -11.27 -10.05
N CYS A 170 -23.07 -12.16 -9.19
CA CYS A 170 -23.15 -13.60 -9.42
C CYS A 170 -23.69 -14.35 -8.20
N ALA A 171 -24.65 -15.24 -8.42
CA ALA A 171 -25.11 -16.12 -7.36
C ALA A 171 -24.30 -17.41 -7.45
N LEU A 172 -23.69 -17.82 -6.34
CA LEU A 172 -22.92 -19.05 -6.32
C LEU A 172 -23.78 -20.12 -5.64
N LYS A 173 -24.01 -21.22 -6.37
CA LYS A 173 -24.93 -22.28 -5.91
C LYS A 173 -24.31 -23.67 -5.90
N GLY A 174 -22.99 -23.72 -6.03
CA GLY A 174 -22.23 -24.96 -5.98
C GLY A 174 -22.30 -25.70 -7.30
N THR A 175 -22.77 -25.01 -8.33
CA THR A 175 -22.92 -25.58 -9.66
C THR A 175 -22.57 -24.58 -10.74
N VAL A 176 -22.49 -25.08 -11.97
CA VAL A 176 -22.39 -24.25 -13.16
C VAL A 176 -23.52 -23.19 -13.13
N PRO A 177 -23.17 -21.91 -13.27
CA PRO A 177 -24.23 -20.88 -13.22
C PRO A 177 -25.30 -21.05 -14.29
N GLY A 178 -26.57 -20.90 -13.91
CA GLY A 178 -27.66 -20.82 -14.86
C GLY A 178 -27.66 -19.45 -15.49
N PRO A 179 -28.45 -19.26 -16.57
CA PRO A 179 -28.43 -17.96 -17.27
C PRO A 179 -28.83 -16.80 -16.36
N GLU A 180 -29.79 -17.03 -15.48
CA GLU A 180 -30.28 -15.95 -14.62
C GLU A 180 -29.52 -15.82 -13.29
N ASP A 181 -28.42 -16.57 -13.12
CA ASP A 181 -27.63 -16.48 -11.88
C ASP A 181 -26.62 -15.33 -11.94
N GLN A 182 -26.64 -14.60 -13.04
CA GLN A 182 -25.74 -13.48 -13.23
C GLN A 182 -26.48 -12.27 -13.73
N VAL A 183 -26.07 -11.13 -13.20
CA VAL A 183 -26.62 -9.85 -13.57
C VAL A 183 -25.41 -8.94 -13.84
N THR A 184 -25.44 -8.25 -14.98
CA THR A 184 -24.40 -7.32 -15.38
C THR A 184 -25.01 -5.94 -15.44
N LEU A 185 -24.48 -5.02 -14.65
CA LEU A 185 -24.97 -3.63 -14.65
C LEU A 185 -23.95 -2.78 -15.34
N THR A 186 -24.42 -1.77 -16.09
CA THR A 186 -23.52 -0.84 -16.74
C THR A 186 -23.18 0.32 -15.83
N LYS A 187 -23.90 0.46 -14.70
CA LYS A 187 -23.52 1.45 -13.70
C LYS A 187 -22.46 0.90 -12.77
N ALA A 188 -21.26 1.45 -12.91
CA ALA A 188 -20.13 1.08 -12.08
C ALA A 188 -19.20 2.30 -11.94
N GLY A 189 -17.90 2.09 -11.77
CA GLY A 189 -16.99 3.17 -11.47
C GLY A 189 -16.97 4.29 -12.50
N ASN A 190 -16.99 3.96 -13.78
CA ASN A 190 -16.94 4.98 -14.83
C ASN A 190 -18.18 5.89 -14.75
N TYR A 191 -19.30 5.26 -14.48
CA TYR A 191 -20.58 5.95 -14.29
C TYR A 191 -20.52 6.87 -13.08
N VAL A 192 -19.97 6.39 -11.97
CA VAL A 192 -19.75 7.29 -10.82
C VAL A 192 -18.90 8.49 -11.22
N ASP A 193 -17.83 8.27 -11.98
CA ASP A 193 -16.96 9.35 -12.39
C ASP A 193 -17.76 10.43 -13.11
N GLU A 194 -18.64 9.98 -14.01
CA GLU A 194 -19.41 10.87 -14.85
C GLU A 194 -20.37 11.67 -14.01
N ARG A 195 -21.12 10.97 -13.17
CA ARG A 195 -22.05 11.62 -12.24
C ARG A 195 -21.32 12.65 -11.39
N LEU A 196 -20.15 12.28 -10.89
CA LEU A 196 -19.42 13.12 -9.96
C LEU A 196 -18.92 14.38 -10.68
N GLN A 197 -18.35 14.18 -11.87
CA GLN A 197 -17.92 15.31 -12.70
C GLN A 197 -19.02 16.34 -12.82
N ASN A 198 -20.23 15.86 -13.11
CA ASN A 198 -21.34 16.76 -13.37
C ASN A 198 -21.96 17.36 -12.09
N ALA A 199 -21.95 16.61 -11.00
CA ALA A 199 -22.38 17.15 -9.72
C ALA A 199 -21.45 18.24 -9.22
N ILE A 200 -20.17 18.11 -9.53
CA ILE A 200 -19.18 19.09 -9.13
C ILE A 200 -19.34 20.35 -9.98
N LEU A 201 -19.48 20.17 -11.29
CA LEU A 201 -19.53 21.32 -12.18
C LEU A 201 -20.78 22.14 -11.96
N GLU A 202 -21.85 21.47 -11.50
CA GLU A 202 -23.07 22.19 -11.20
C GLU A 202 -22.79 23.22 -10.10
N ARG A 203 -21.97 22.83 -9.13
CA ARG A 203 -21.71 23.66 -7.96
C ARG A 203 -20.46 24.54 -8.13
N HIS A 204 -19.55 24.13 -9.00
CA HIS A 204 -18.30 24.84 -9.18
C HIS A 204 -17.91 24.94 -10.64
N PRO A 205 -18.75 25.65 -11.42
CA PRO A 205 -18.59 25.66 -12.88
C PRO A 205 -17.18 26.05 -13.34
N GLU A 206 -16.40 26.71 -12.48
CA GLU A 206 -15.14 27.31 -12.93
C GLU A 206 -13.97 26.32 -12.90
N LEU A 207 -14.16 25.20 -12.23
CA LEU A 207 -13.09 24.21 -12.09
C LEU A 207 -12.76 23.54 -13.42
N GLN A 208 -11.48 23.34 -13.68
CA GLN A 208 -11.10 22.64 -14.89
C GLN A 208 -11.20 21.14 -14.57
N MET A 209 -12.12 20.49 -15.28
CA MET A 209 -12.67 19.20 -14.87
C MET A 209 -12.79 18.24 -16.05
N ASN A 210 -12.41 16.99 -15.82
CA ASN A 210 -12.73 15.90 -16.73
C ASN A 210 -12.98 14.62 -15.90
N VAL A 211 -13.22 13.47 -16.56
CA VAL A 211 -13.62 12.29 -15.78
C VAL A 211 -12.43 11.77 -15.02
N ASN A 212 -11.22 12.11 -15.45
CA ASN A 212 -10.04 11.67 -14.72
C ASN A 212 -9.91 12.42 -13.40
N VAL A 213 -10.21 13.72 -13.40
CA VAL A 213 -10.17 14.49 -12.15
C VAL A 213 -11.25 13.98 -11.20
N ALA A 214 -12.47 13.80 -11.71
CA ALA A 214 -13.57 13.23 -10.95
C ALA A 214 -13.21 11.86 -10.37
N CYS A 215 -12.53 11.05 -11.18
CA CYS A 215 -12.11 9.73 -10.70
C CYS A 215 -11.15 9.87 -9.51
N ALA A 216 -10.23 10.84 -9.57
CA ALA A 216 -9.28 11.10 -8.48
C ALA A 216 -10.02 11.52 -7.21
N VAL A 217 -11.04 12.34 -7.36
CA VAL A 217 -11.82 12.82 -6.24
C VAL A 217 -12.53 11.63 -5.59
N LYS A 218 -13.17 10.83 -6.44
CA LYS A 218 -13.84 9.60 -6.03
C LYS A 218 -12.89 8.68 -5.28
N GLU A 219 -11.73 8.40 -5.83
CA GLU A 219 -10.81 7.45 -5.23
C GLU A 219 -10.27 7.97 -3.92
N GLN A 220 -10.16 9.29 -3.79
CA GLN A 220 -9.71 9.86 -2.54
C GLN A 220 -10.79 9.84 -1.44
N PHE A 221 -12.05 10.10 -1.82
CA PHE A 221 -13.11 10.40 -0.84
C PHE A 221 -14.38 9.55 -0.93
N SER A 222 -14.42 8.52 -1.79
CA SER A 222 -15.69 7.80 -2.00
C SER A 222 -16.33 7.35 -0.71
N PHE A 223 -17.62 7.56 -0.60
CA PHE A 223 -18.36 7.08 0.55
C PHE A 223 -19.83 7.03 0.16
N VAL A 224 -20.58 6.23 0.92
CA VAL A 224 -22.03 6.24 0.89
C VAL A 224 -22.57 6.38 2.32
N GLY A 225 -23.78 6.91 2.43
CA GLY A 225 -24.42 7.13 3.72
C GLY A 225 -24.09 8.51 4.24
N THR A 226 -24.39 8.73 5.51
CA THR A 226 -24.16 10.03 6.14
C THR A 226 -22.68 10.38 6.18
N PRO A 227 -22.33 11.60 5.73
CA PRO A 227 -20.90 11.94 5.71
C PRO A 227 -20.26 11.94 7.11
N THR A 228 -19.06 11.38 7.28
CA THR A 228 -18.35 11.46 8.55
C THR A 228 -17.15 12.39 8.45
N GLU A 229 -16.86 12.88 7.25
CA GLU A 229 -15.77 13.82 7.06
C GLU A 229 -16.02 14.65 5.79
N VAL A 230 -15.20 15.67 5.60
CA VAL A 230 -15.41 16.64 4.54
C VAL A 230 -14.56 16.22 3.37
N ALA A 231 -15.16 16.15 2.20
CA ALA A 231 -14.41 15.85 1.01
C ALA A 231 -13.95 17.17 0.44
N SER A 232 -12.79 17.63 0.90
CA SER A 232 -12.16 18.82 0.38
C SER A 232 -11.02 18.45 -0.55
N PHE A 233 -11.13 18.86 -1.81
CA PHE A 233 -10.18 18.47 -2.84
C PHE A 233 -9.51 19.71 -3.49
N GLU A 234 -8.22 19.58 -3.80
CA GLU A 234 -7.43 20.67 -4.38
C GLU A 234 -7.48 20.60 -5.91
N PHE A 235 -8.36 21.44 -6.47
CA PHE A 235 -8.59 21.53 -7.91
C PHE A 235 -7.69 22.59 -8.55
N ARG A 236 -7.84 22.73 -9.88
CA ARG A 236 -7.36 23.89 -10.64
C ARG A 236 -8.52 24.73 -11.17
N ALA A 237 -8.34 26.05 -11.18
CA ALA A 237 -9.27 26.97 -11.86
C ALA A 237 -8.47 28.09 -12.49
N ALA A 238 -8.62 28.22 -13.81
CA ALA A 238 -7.81 29.15 -14.58
C ALA A 238 -6.34 29.03 -14.19
N GLY A 239 -5.84 27.79 -14.15
CA GLY A 239 -4.43 27.54 -13.84
C GLY A 239 -4.04 27.55 -12.37
N LYS A 240 -4.89 28.09 -11.50
CA LYS A 240 -4.51 28.28 -10.09
C LYS A 240 -5.12 27.22 -9.13
N PRO A 241 -4.39 26.87 -8.03
CA PRO A 241 -4.99 25.95 -7.06
C PRO A 241 -6.18 26.53 -6.34
N VAL A 242 -7.27 25.77 -6.31
CA VAL A 242 -8.49 26.17 -5.66
C VAL A 242 -9.04 24.94 -4.96
N ARG A 243 -9.24 25.03 -3.64
CA ARG A 243 -9.79 23.91 -2.89
C ARG A 243 -11.29 24.07 -2.84
N ALA A 244 -12.02 22.96 -2.91
CA ALA A 244 -13.48 23.00 -2.88
C ALA A 244 -14.04 21.79 -2.12
N ASP A 245 -15.13 22.02 -1.39
CA ASP A 245 -15.83 21.00 -0.64
C ASP A 245 -16.80 20.27 -1.58
N VAL A 246 -16.49 19.02 -1.90
CA VAL A 246 -17.36 18.25 -2.79
C VAL A 246 -17.94 17.01 -2.10
N THR A 247 -18.18 17.11 -0.80
CA THR A 247 -18.84 16.05 -0.01
C THR A 247 -20.16 15.57 -0.62
N GLU A 248 -21.04 16.50 -0.97
CA GLU A 248 -22.34 16.12 -1.45
C GLU A 248 -22.27 15.58 -2.88
N PRO A 249 -21.46 16.22 -3.75
CA PRO A 249 -21.29 15.55 -5.05
C PRO A 249 -20.81 14.09 -4.95
N VAL A 250 -19.83 13.82 -4.10
CA VAL A 250 -19.32 12.46 -3.91
C VAL A 250 -20.42 11.55 -3.38
N LYS A 251 -21.17 12.03 -2.40
CA LYS A 251 -22.26 11.21 -1.85
C LYS A 251 -23.28 10.84 -2.91
N ILE A 252 -23.64 11.82 -3.72
CA ILE A 252 -24.65 11.60 -4.75
C ILE A 252 -24.19 10.59 -5.79
N ALA A 253 -22.96 10.73 -6.21
CA ALA A 253 -22.42 9.96 -7.31
C ALA A 253 -22.22 8.51 -6.86
N CYS A 254 -21.71 8.32 -5.65
CA CYS A 254 -21.47 6.97 -5.15
C CYS A 254 -22.79 6.27 -4.80
N GLU A 255 -23.72 6.99 -4.18
CA GLU A 255 -25.01 6.39 -3.84
C GLU A 255 -25.83 6.03 -5.08
N ALA A 256 -25.58 6.71 -6.19
CA ALA A 256 -26.27 6.43 -7.46
C ALA A 256 -26.06 4.99 -7.97
N LEU A 257 -24.96 4.36 -7.58
CA LEU A 257 -24.71 2.95 -7.92
C LEU A 257 -25.64 1.98 -7.24
N MET A 258 -26.15 2.36 -6.08
CA MET A 258 -26.68 1.37 -5.16
C MET A 258 -28.06 0.84 -5.50
N PRO A 259 -28.95 1.66 -6.08
CA PRO A 259 -30.29 1.10 -6.30
C PRO A 259 -30.30 -0.11 -7.23
N ASP A 260 -29.57 -0.06 -8.34
CA ASP A 260 -29.54 -1.23 -9.25
C ASP A 260 -28.87 -2.45 -8.59
N ILE A 261 -27.90 -2.22 -7.72
CA ILE A 261 -27.21 -3.29 -7.01
C ILE A 261 -28.18 -3.97 -6.06
N ILE A 262 -28.90 -3.19 -5.27
CA ILE A 262 -29.88 -3.77 -4.36
C ILE A 262 -30.97 -4.52 -5.11
N GLU A 263 -31.48 -3.94 -6.18
CA GLU A 263 -32.44 -4.63 -7.02
C GLU A 263 -31.90 -5.97 -7.56
N SER A 264 -30.62 -5.99 -7.90
CA SER A 264 -30.01 -7.21 -8.45
C SER A 264 -29.87 -8.27 -7.38
N ILE A 265 -29.51 -7.84 -6.18
CA ILE A 265 -29.38 -8.77 -5.08
C ILE A 265 -30.75 -9.42 -4.81
N GLU A 266 -31.80 -8.61 -4.85
CA GLU A 266 -33.17 -9.12 -4.67
C GLU A 266 -33.55 -10.18 -5.70
N THR A 267 -33.27 -9.85 -6.96
CA THR A 267 -33.55 -10.75 -8.07
C THR A 267 -32.86 -12.09 -7.88
N LEU A 268 -31.58 -12.05 -7.51
CA LEU A 268 -30.85 -13.30 -7.30
C LEU A 268 -31.26 -14.01 -6.00
N LEU A 269 -31.53 -13.25 -4.95
CA LEU A 269 -31.91 -13.84 -3.67
C LEU A 269 -33.12 -14.75 -3.83
N ARG A 270 -34.12 -14.29 -4.58
CA ARG A 270 -35.37 -15.02 -4.66
C ARG A 270 -35.21 -16.28 -5.53
N SER A 271 -34.10 -16.38 -6.27
CA SER A 271 -33.84 -17.57 -7.07
C SER A 271 -33.22 -18.68 -6.23
N PHE A 272 -32.84 -18.38 -4.98
CA PHE A 272 -32.39 -19.46 -4.10
C PHE A 272 -33.62 -20.14 -3.49
N GLN A 273 -33.44 -21.40 -3.10
CA GLN A 273 -34.50 -22.14 -2.35
C GLN A 273 -34.84 -21.36 -1.08
N PRO A 274 -36.13 -21.29 -0.72
CA PRO A 274 -36.52 -20.35 0.33
C PRO A 274 -35.80 -20.58 1.68
N GLU A 275 -35.57 -21.84 2.03
CA GLU A 275 -34.98 -22.15 3.34
C GLU A 275 -33.50 -21.79 3.42
N TYR A 276 -32.91 -21.40 2.30
CA TYR A 276 -31.51 -20.95 2.30
C TYR A 276 -31.37 -19.45 2.12
N GLN A 277 -32.47 -18.73 1.88
CA GLN A 277 -32.35 -17.30 1.63
C GLN A 277 -31.73 -16.51 2.80
N ASP A 278 -32.07 -16.85 4.06
CA ASP A 278 -31.43 -16.15 5.17
C ASP A 278 -29.92 -16.40 5.21
N THR A 279 -29.52 -17.61 4.82
CA THR A 279 -28.11 -17.96 4.74
C THR A 279 -27.43 -17.16 3.65
N VAL A 280 -28.09 -17.02 2.51
CA VAL A 280 -27.50 -16.19 1.46
C VAL A 280 -27.24 -14.78 1.98
N LEU A 281 -28.15 -14.25 2.79
CA LEU A 281 -28.00 -12.91 3.31
C LEU A 281 -26.81 -12.78 4.27
N GLN A 282 -26.25 -13.89 4.73
CA GLN A 282 -25.05 -13.87 5.56
C GLN A 282 -23.77 -13.91 4.74
N ASN A 283 -23.93 -14.01 3.42
CA ASN A 283 -22.85 -14.17 2.48
C ASN A 283 -23.04 -13.24 1.27
N ILE A 284 -23.30 -11.96 1.55
CA ILE A 284 -23.29 -10.93 0.52
C ILE A 284 -21.88 -10.35 0.53
N VAL A 285 -21.15 -10.56 -0.55
CA VAL A 285 -19.74 -10.16 -0.65
C VAL A 285 -19.55 -9.13 -1.74
N PHE A 286 -18.91 -8.02 -1.40
CA PHE A 286 -18.56 -7.01 -2.39
C PHE A 286 -17.08 -7.15 -2.77
N ALA A 287 -16.82 -7.16 -4.06
CA ALA A 287 -15.47 -7.24 -4.59
C ALA A 287 -15.26 -6.11 -5.58
N GLY A 288 -14.06 -6.05 -6.14
CA GLY A 288 -13.70 -5.10 -7.18
C GLY A 288 -13.30 -3.75 -6.60
N GLY A 289 -12.83 -2.85 -7.46
CA GLY A 289 -12.39 -1.54 -6.99
C GLY A 289 -13.42 -0.77 -6.23
N GLY A 290 -14.68 -0.94 -6.61
CA GLY A 290 -15.79 -0.24 -6.00
C GLY A 290 -16.16 -0.71 -4.60
N SER A 291 -15.69 -1.90 -4.25
CA SER A 291 -15.92 -2.44 -2.91
C SER A 291 -15.12 -1.62 -1.87
N ARG A 292 -14.20 -0.77 -2.33
CA ARG A 292 -13.46 0.11 -1.41
C ARG A 292 -14.23 1.36 -0.94
N ILE A 293 -15.42 1.58 -1.50
CA ILE A 293 -16.23 2.77 -1.13
C ILE A 293 -16.49 2.79 0.39
N ARG A 294 -16.21 3.93 1.02
CA ARG A 294 -16.33 3.98 2.47
C ARG A 294 -17.78 3.88 2.92
N GLY A 295 -18.01 3.07 3.96
CA GLY A 295 -19.36 2.91 4.49
C GLY A 295 -20.21 1.92 3.73
N LEU A 296 -19.65 1.31 2.70
CA LEU A 296 -20.44 0.48 1.80
C LEU A 296 -21.17 -0.71 2.47
N ALA A 297 -20.46 -1.51 3.24
CA ALA A 297 -21.06 -2.67 3.89
C ALA A 297 -22.23 -2.28 4.79
N ALA A 298 -22.05 -1.30 5.67
CA ALA A 298 -23.16 -0.84 6.53
C ALA A 298 -24.35 -0.32 5.73
N TYR A 299 -24.06 0.40 4.64
CA TYR A 299 -25.11 1.01 3.84
C TYR A 299 -25.94 -0.07 3.17
N VAL A 300 -25.26 -1.03 2.57
CA VAL A 300 -25.96 -2.15 1.91
C VAL A 300 -26.74 -2.98 2.94
N LYS A 301 -26.14 -3.22 4.10
CA LYS A 301 -26.84 -3.97 5.15
C LYS A 301 -28.15 -3.26 5.51
N GLU A 302 -28.11 -1.94 5.64
CA GLU A 302 -29.32 -1.20 5.91
C GLU A 302 -30.30 -1.31 4.76
N LYS A 303 -29.83 -1.22 3.52
CA LYS A 303 -30.71 -1.31 2.37
C LYS A 303 -31.29 -2.73 2.16
N LEU A 304 -30.69 -3.75 2.77
CA LEU A 304 -31.19 -5.12 2.64
C LEU A 304 -32.18 -5.48 3.78
N ARG A 305 -32.51 -4.54 4.65
CA ARG A 305 -33.40 -4.85 5.78
C ARG A 305 -34.75 -5.38 5.35
N PRO A 306 -35.29 -4.95 4.20
CA PRO A 306 -36.53 -5.56 3.74
C PRO A 306 -36.45 -7.07 3.45
N PHE A 307 -35.23 -7.61 3.36
CA PHE A 307 -35.02 -9.03 3.05
C PHE A 307 -34.58 -9.81 4.29
N GLY A 308 -34.14 -9.10 5.29
CA GLY A 308 -33.70 -9.72 6.53
C GLY A 308 -32.47 -9.07 7.09
N ASP A 309 -31.75 -9.82 7.90
CA ASP A 309 -30.58 -9.32 8.60
C ASP A 309 -29.33 -9.78 7.87
N ALA A 310 -28.76 -8.90 7.04
CA ALA A 310 -27.67 -9.31 6.17
C ALA A 310 -26.34 -9.10 6.85
N ASN A 311 -25.37 -9.95 6.50
CA ASN A 311 -23.98 -9.75 6.86
C ASN A 311 -23.22 -9.44 5.57
N VAL A 312 -23.01 -8.17 5.31
CA VAL A 312 -22.32 -7.71 4.11
C VAL A 312 -20.86 -7.53 4.40
N THR A 313 -20.03 -8.13 3.57
CA THR A 313 -18.60 -7.97 3.71
C THR A 313 -18.00 -7.51 2.39
N CYS A 314 -16.86 -6.85 2.53
CA CYS A 314 -16.08 -6.38 1.40
C CYS A 314 -14.79 -7.17 1.44
N VAL A 315 -14.32 -7.61 0.28
CA VAL A 315 -13.10 -8.39 0.27
C VAL A 315 -11.97 -7.55 0.88
N LYS A 316 -11.05 -8.18 1.62
CA LYS A 316 -9.96 -7.42 2.26
C LYS A 316 -8.98 -6.79 1.27
N ASP A 317 -8.79 -7.42 0.13
CA ASP A 317 -7.79 -6.97 -0.82
C ASP A 317 -8.27 -7.25 -2.24
N PRO A 318 -8.94 -6.26 -2.84
CA PRO A 318 -9.53 -6.43 -4.16
C PRO A 318 -8.46 -6.69 -5.19
N THR A 319 -7.24 -6.28 -4.91
CA THR A 319 -6.20 -6.44 -5.90
C THR A 319 -5.75 -7.90 -6.01
N PHE A 320 -5.51 -8.56 -4.86
CA PHE A 320 -4.85 -9.85 -4.87
C PHE A 320 -5.71 -11.01 -4.38
N ASP A 321 -6.90 -10.76 -3.83
CA ASP A 321 -7.67 -11.85 -3.27
C ASP A 321 -8.13 -12.88 -4.31
N GLY A 322 -8.45 -12.42 -5.51
CA GLY A 322 -8.81 -13.33 -6.59
C GLY A 322 -7.66 -14.30 -6.90
N CYS A 323 -6.46 -13.79 -7.16
CA CYS A 323 -5.37 -14.70 -7.57
C CYS A 323 -4.93 -15.57 -6.40
N ARG A 324 -5.12 -15.05 -5.19
CA ARG A 324 -4.85 -15.83 -3.98
C ARG A 324 -5.79 -17.04 -3.93
N GLY A 325 -7.08 -16.82 -4.22
CA GLY A 325 -8.03 -17.91 -4.32
C GLY A 325 -7.72 -18.89 -5.46
N ALA A 326 -7.33 -18.35 -6.62
CA ALA A 326 -6.96 -19.19 -7.77
C ALA A 326 -5.76 -20.08 -7.41
N LEU A 327 -4.76 -19.51 -6.72
CA LEU A 327 -3.61 -20.28 -6.30
C LEU A 327 -4.01 -21.40 -5.35
N ARG A 328 -4.89 -21.08 -4.40
CA ARG A 328 -5.39 -22.08 -3.46
C ARG A 328 -6.08 -23.21 -4.18
N LEU A 329 -6.96 -22.89 -5.13
CA LEU A 329 -7.59 -23.92 -5.95
C LEU A 329 -6.55 -24.78 -6.66
N ALA A 330 -5.53 -24.14 -7.22
CA ALA A 330 -4.52 -24.86 -7.97
C ALA A 330 -3.74 -25.87 -7.12
N GLU A 331 -3.43 -25.49 -5.88
CA GLU A 331 -2.69 -26.35 -4.96
C GLU A 331 -3.60 -27.40 -4.32
N GLU A 332 -4.90 -27.13 -4.25
CA GLU A 332 -5.82 -27.99 -3.48
C GLU A 332 -6.56 -29.01 -4.36
N LEU A 333 -6.63 -28.74 -5.66
CA LEU A 333 -7.36 -29.64 -6.53
C LEU A 333 -6.53 -30.88 -6.89
N PRO A 334 -7.15 -32.08 -6.85
CA PRO A 334 -6.40 -33.27 -7.26
C PRO A 334 -6.50 -33.55 -8.76
N ALA B 8 32.31 -15.21 34.76
CA ALA B 8 31.22 -14.88 33.84
C ALA B 8 31.42 -13.48 33.26
N LYS B 9 30.88 -13.26 32.05
CA LYS B 9 31.12 -12.00 31.33
C LYS B 9 30.27 -10.84 31.80
N ASN B 10 30.87 -9.65 31.81
CA ASN B 10 30.10 -8.43 31.90
C ASN B 10 29.42 -8.18 30.57
N ARG B 11 28.15 -7.79 30.61
CA ARG B 11 27.38 -7.64 29.39
C ARG B 11 27.20 -6.18 29.05
N LEU B 12 27.31 -5.87 27.77
CA LEU B 12 27.05 -4.53 27.25
C LEU B 12 25.84 -4.64 26.31
N PHE B 13 24.78 -3.86 26.58
CA PHE B 13 23.58 -3.91 25.76
C PHE B 13 23.54 -2.70 24.86
N LEU B 14 23.13 -2.95 23.61
CA LEU B 14 23.02 -1.91 22.60
C LEU B 14 21.66 -1.93 21.98
N GLY B 15 21.08 -0.74 21.81
CA GLY B 15 19.91 -0.57 20.96
C GLY B 15 20.32 0.23 19.74
N VAL B 16 20.03 -0.27 18.55
CA VAL B 16 20.50 0.35 17.30
C VAL B 16 19.30 0.50 16.38
N ASP B 17 18.98 1.74 16.05
CA ASP B 17 17.92 2.06 15.11
C ASP B 17 18.59 2.34 13.77
N LEU B 18 18.61 1.31 12.91
CA LEU B 18 19.29 1.37 11.62
C LEU B 18 18.33 1.89 10.57
N GLY B 19 18.44 3.18 10.26
CA GLY B 19 17.54 3.80 9.29
C GLY B 19 18.29 4.01 7.99
N THR B 20 17.56 4.20 6.90
CA THR B 20 18.22 4.34 5.61
C THR B 20 19.13 5.56 5.52
N SER B 21 18.80 6.65 6.21
CA SER B 21 19.62 7.85 6.18
C SER B 21 20.40 8.08 7.49
N HIS B 22 19.84 7.65 8.62
CA HIS B 22 20.50 7.81 9.91
C HIS B 22 20.40 6.58 10.79
N THR B 23 21.40 6.44 11.65
CA THR B 23 21.43 5.38 12.64
C THR B 23 21.55 5.98 14.03
N ALA B 24 20.69 5.57 14.93
CA ALA B 24 20.69 6.04 16.32
C ALA B 24 21.10 4.89 17.22
N VAL B 25 21.94 5.15 18.19
CA VAL B 25 22.51 4.13 19.08
C VAL B 25 22.41 4.55 20.53
N MET B 26 22.00 3.62 21.39
CA MET B 26 22.12 3.82 22.82
C MET B 26 22.74 2.58 23.42
N SER B 27 23.58 2.76 24.43
CA SER B 27 24.09 1.62 25.18
C SER B 27 23.62 1.67 26.62
N SER B 28 23.73 0.53 27.28
CA SER B 28 23.32 0.41 28.68
C SER B 28 24.26 1.16 29.59
N ARG B 29 25.41 1.58 29.07
CA ARG B 29 26.40 2.33 29.86
C ARG B 29 26.41 3.82 29.55
N GLY B 30 25.32 4.29 28.94
CA GLY B 30 25.13 5.71 28.78
C GLY B 30 25.47 6.35 27.47
N LYS B 31 25.96 5.58 26.50
CA LYS B 31 26.19 6.14 25.16
C LYS B 31 24.87 6.43 24.48
N LYS B 32 24.84 7.54 23.78
CA LYS B 32 23.67 7.94 23.03
C LYS B 32 24.14 8.83 21.88
N PHE B 33 24.06 8.36 20.65
CA PHE B 33 24.54 9.15 19.52
C PHE B 33 23.80 8.84 18.22
N LEU B 34 23.89 9.78 17.28
CA LEU B 34 23.19 9.72 16.01
C LEU B 34 24.23 9.89 14.95
N LEU B 35 24.17 9.12 13.88
CA LEU B 35 25.13 9.31 12.79
C LEU B 35 24.43 9.04 11.50
N LYS B 36 24.93 9.63 10.42
CA LYS B 36 24.45 9.29 9.10
C LYS B 36 24.79 7.83 8.79
N SER B 37 23.90 7.13 8.09
CA SER B 37 24.06 5.70 7.81
C SER B 37 24.89 5.49 6.57
N VAL B 38 26.15 5.91 6.65
CA VAL B 38 27.00 5.97 5.47
C VAL B 38 28.44 5.58 5.87
N VAL B 39 29.18 5.05 4.91
CA VAL B 39 30.57 4.66 5.12
C VAL B 39 31.35 5.24 3.93
N GLY B 40 32.53 5.76 4.21
CA GLY B 40 33.38 6.40 3.20
C GLY B 40 34.67 5.62 3.09
N TYR B 41 35.07 5.34 1.85
CA TYR B 41 36.21 4.50 1.56
C TYR B 41 37.23 5.33 0.80
N PRO B 42 38.52 5.06 1.02
CA PRO B 42 39.55 5.73 0.23
C PRO B 42 39.40 5.44 -1.25
N LYS B 43 39.69 6.42 -2.09
CA LYS B 43 39.50 6.27 -3.52
C LYS B 43 40.63 5.46 -4.16
N ASP B 44 41.78 5.45 -3.50
CA ASP B 44 42.96 4.78 -4.05
C ASP B 44 43.98 4.48 -2.94
N VAL B 45 45.11 3.92 -3.30
CA VAL B 45 46.08 3.41 -2.31
C VAL B 45 46.69 4.58 -1.56
N ILE B 46 46.76 5.71 -2.24
CA ILE B 46 47.27 6.96 -1.66
C ILE B 46 46.24 7.56 -0.70
N GLY B 47 44.97 7.48 -1.09
CA GLY B 47 43.89 7.94 -0.21
C GLY B 47 43.90 7.14 1.07
N LEU B 48 44.18 5.84 0.96
CA LEU B 48 44.22 4.96 2.13
C LEU B 48 45.31 5.39 3.11
N LYS B 49 46.49 5.68 2.57
CA LYS B 49 47.60 6.20 3.37
C LYS B 49 47.23 7.48 4.11
N LEU B 50 46.66 8.44 3.38
CA LEU B 50 46.24 9.70 3.98
C LEU B 50 45.22 9.47 5.09
N LEU B 51 44.30 8.56 4.86
CA LEU B 51 43.20 8.35 5.78
C LEU B 51 43.71 7.70 7.05
N GLY B 52 44.69 6.81 6.90
CA GLY B 52 45.28 6.12 8.04
C GLY B 52 44.47 4.98 8.59
N ARG B 53 43.34 4.70 7.92
CA ARG B 53 42.37 3.69 8.35
C ARG B 53 41.68 3.12 7.11
N PRO B 54 41.13 1.91 7.19
CA PRO B 54 40.51 1.40 5.97
C PRO B 54 39.21 2.13 5.57
N TYR B 55 38.53 2.79 6.50
CA TYR B 55 37.32 3.53 6.15
C TYR B 55 36.93 4.45 7.29
N VAL B 56 36.04 5.39 7.02
CA VAL B 56 35.42 6.18 8.08
C VAL B 56 33.89 6.08 8.00
N VAL B 57 33.20 6.39 9.08
CA VAL B 57 31.76 6.07 9.18
C VAL B 57 30.98 7.26 9.70
N GLY B 58 29.76 7.47 9.21
CA GLY B 58 28.86 8.45 9.81
C GLY B 58 29.05 9.89 9.35
N ASP B 59 28.79 10.85 10.25
CA ASP B 59 28.80 12.27 9.88
C ASP B 59 30.12 12.64 9.19
N GLU B 60 31.22 12.13 9.75
CA GLU B 60 32.57 12.37 9.25
C GLU B 60 32.78 11.87 7.81
N ALA B 61 32.24 10.70 7.51
CA ALA B 61 32.37 10.17 6.17
C ALA B 61 31.68 11.07 5.17
N PHE B 62 30.53 11.60 5.59
CA PHE B 62 29.77 12.50 4.75
C PHE B 62 30.53 13.83 4.57
N GLU B 63 31.02 14.39 5.68
CA GLU B 63 31.80 15.62 5.63
C GLU B 63 33.01 15.47 4.70
N MET B 64 33.63 14.31 4.69
CA MET B 64 34.82 14.04 3.92
C MET B 64 34.52 13.46 2.55
N ARG B 65 33.30 13.63 2.03
CA ARG B 65 32.88 12.90 0.85
C ARG B 65 33.64 13.36 -0.42
N SER B 66 34.19 14.57 -0.39
CA SER B 66 35.10 15.02 -1.45
C SER B 66 36.31 14.14 -1.64
N TYR B 67 36.80 13.61 -0.53
CA TYR B 67 38.01 12.80 -0.50
C TYR B 67 37.73 11.31 -0.63
N LEU B 68 36.46 10.94 -0.54
CA LEU B 68 36.10 9.53 -0.38
C LEU B 68 35.05 9.05 -1.36
N ASP B 69 35.00 7.73 -1.51
CA ASP B 69 33.87 7.08 -2.12
C ASP B 69 32.93 6.71 -0.96
N ILE B 70 31.78 7.36 -0.87
CA ILE B 70 30.86 7.10 0.22
C ILE B 70 29.73 6.20 -0.28
N ARG B 71 29.22 5.36 0.61
CA ARG B 71 28.15 4.44 0.27
C ARG B 71 27.17 4.33 1.46
N TYR B 72 25.91 4.66 1.19
CA TYR B 72 24.83 4.40 2.13
C TYR B 72 24.41 2.95 1.87
N PRO B 73 24.65 2.03 2.81
CA PRO B 73 24.37 0.63 2.47
C PRO B 73 22.90 0.32 2.20
N LEU B 74 21.99 1.15 2.70
CA LEU B 74 20.55 0.98 2.39
C LEU B 74 20.09 1.99 1.32
N GLN B 75 21.03 2.49 0.52
CA GLN B 75 20.73 3.37 -0.61
C GLN B 75 19.55 2.84 -1.43
N ASP B 76 19.62 1.56 -1.77
CA ASP B 76 18.63 0.95 -2.66
C ASP B 76 17.41 0.38 -1.93
N GLY B 77 17.19 0.82 -0.71
CA GLY B 77 16.05 0.42 0.09
C GLY B 77 16.17 -0.94 0.74
N VAL B 78 15.08 -1.38 1.38
CA VAL B 78 15.08 -2.63 2.12
C VAL B 78 13.98 -3.57 1.65
N LEU B 79 13.28 -3.18 0.59
CA LEU B 79 12.35 -4.09 -0.10
C LEU B 79 13.13 -4.99 -1.03
N SER B 80 13.79 -4.40 -2.01
CA SER B 80 14.70 -5.17 -2.84
C SER B 80 15.85 -5.66 -1.97
N GLU B 81 16.41 -6.78 -2.39
CA GLU B 81 17.44 -7.49 -1.66
C GLU B 81 18.72 -6.67 -1.56
N ILE B 82 19.30 -6.62 -0.37
CA ILE B 82 20.55 -5.91 -0.16
C ILE B 82 21.68 -6.76 -0.76
N SER B 83 22.50 -6.12 -1.57
CA SER B 83 23.59 -6.81 -2.25
C SER B 83 24.65 -7.27 -1.27
N ASP B 84 25.50 -8.19 -1.72
CA ASP B 84 26.60 -8.68 -0.88
C ASP B 84 27.55 -7.52 -0.54
N ARG B 85 27.77 -6.62 -1.50
CA ARG B 85 28.67 -5.51 -1.28
C ARG B 85 28.09 -4.58 -0.22
N ASP B 86 26.79 -4.34 -0.27
CA ASP B 86 26.16 -3.47 0.72
C ASP B 86 26.02 -4.09 2.12
N ILE B 87 25.90 -5.40 2.21
CA ILE B 87 26.00 -6.06 3.49
C ILE B 87 27.37 -5.83 4.11
N GLU B 88 28.43 -5.87 3.31
CA GLU B 88 29.76 -5.59 3.86
C GLU B 88 29.90 -4.11 4.30
N VAL B 89 29.31 -3.21 3.53
CA VAL B 89 29.29 -1.81 3.95
C VAL B 89 28.53 -1.69 5.28
N ALA B 90 27.43 -2.44 5.43
CA ALA B 90 26.66 -2.43 6.65
C ALA B 90 27.46 -3.03 7.80
N ARG B 91 28.30 -4.04 7.52
CA ARG B 91 29.19 -4.59 8.55
C ARG B 91 30.15 -3.53 9.10
N HIS B 92 30.68 -2.71 8.21
CA HIS B 92 31.55 -1.65 8.64
C HIS B 92 30.83 -0.62 9.48
N LEU B 93 29.63 -0.26 9.04
CA LEU B 93 28.78 0.68 9.79
C LEU B 93 28.53 0.14 11.19
N LEU B 94 28.09 -1.10 11.30
CA LEU B 94 27.78 -1.67 12.60
C LEU B 94 29.03 -1.88 13.44
N THR B 95 30.13 -2.25 12.79
CA THR B 95 31.37 -2.50 13.53
C THR B 95 31.83 -1.22 14.21
N HIS B 96 31.72 -0.11 13.48
CA HIS B 96 32.03 1.22 14.00
C HIS B 96 31.10 1.60 15.15
N VAL B 97 29.82 1.33 14.98
CA VAL B 97 28.80 1.65 15.97
C VAL B 97 29.16 0.96 17.28
N VAL B 98 29.49 -0.31 17.18
CA VAL B 98 29.90 -1.10 18.33
C VAL B 98 31.20 -0.56 18.95
N LYS B 99 32.21 -0.29 18.13
CA LYS B 99 33.46 0.28 18.65
C LYS B 99 33.20 1.60 19.40
N SER B 100 32.32 2.42 18.84
CA SER B 100 31.98 3.71 19.43
C SER B 100 31.25 3.60 20.77
N ALA B 101 30.65 2.43 21.05
CA ALA B 101 30.00 2.19 22.33
C ALA B 101 31.04 1.78 23.39
N GLU B 102 32.29 1.63 22.97
CA GLU B 102 33.46 1.41 23.85
C GLU B 102 33.38 0.16 24.74
N PRO B 103 33.16 -1.02 24.13
CA PRO B 103 33.18 -2.26 24.90
C PRO B 103 34.54 -2.61 25.50
N GLY B 104 34.53 -3.22 26.67
CA GLY B 104 35.73 -3.72 27.29
C GLY B 104 36.15 -5.03 26.66
N PRO B 105 37.40 -5.43 26.88
CA PRO B 105 37.86 -6.64 26.20
C PRO B 105 37.16 -7.90 26.71
N ASN B 106 36.52 -7.81 27.88
CA ASN B 106 35.79 -8.95 28.44
C ASN B 106 34.28 -8.81 28.36
N ASP B 107 33.80 -7.80 27.65
CA ASP B 107 32.37 -7.61 27.51
C ASP B 107 31.73 -8.63 26.53
N GLU B 108 30.58 -9.14 26.91
CA GLU B 108 29.71 -9.84 25.99
C GLU B 108 28.72 -8.80 25.47
N ILE B 109 28.68 -8.58 24.16
CA ILE B 109 27.90 -7.50 23.55
C ILE B 109 26.58 -8.06 23.01
N CYS B 110 25.46 -7.55 23.53
CA CYS B 110 24.13 -7.96 23.08
C CYS B 110 23.41 -6.79 22.43
N ALA B 111 23.08 -6.91 21.14
CA ALA B 111 22.46 -5.83 20.38
C ALA B 111 21.11 -6.19 19.78
N VAL B 112 20.14 -5.31 19.96
CA VAL B 112 18.91 -5.39 19.24
C VAL B 112 18.93 -4.29 18.18
N ILE B 113 18.75 -4.69 16.93
CA ILE B 113 18.84 -3.78 15.79
C ILE B 113 17.48 -3.64 15.15
N GLY B 114 16.97 -2.42 15.10
CA GLY B 114 15.68 -2.16 14.50
C GLY B 114 15.88 -1.74 13.06
N VAL B 115 15.05 -2.25 12.16
CA VAL B 115 15.18 -1.90 10.75
C VAL B 115 13.85 -1.36 10.23
N PRO B 116 13.87 -0.67 9.09
CA PRO B 116 12.65 -0.05 8.56
C PRO B 116 11.51 -1.05 8.40
N ALA B 117 10.28 -0.58 8.53
CA ALA B 117 9.11 -1.44 8.69
C ALA B 117 8.89 -2.44 7.55
N ARG B 118 9.19 -2.03 6.33
CA ARG B 118 8.88 -2.90 5.20
C ARG B 118 10.09 -3.73 4.76
N ALA B 119 11.09 -3.82 5.64
CA ALA B 119 12.29 -4.61 5.31
C ALA B 119 11.90 -6.05 5.06
N SER B 120 12.33 -6.62 3.95
CA SER B 120 11.98 -8.00 3.65
C SER B 120 12.52 -8.99 4.68
N ALA B 121 11.90 -10.15 4.81
CA ALA B 121 12.42 -11.23 5.67
C ALA B 121 13.87 -11.60 5.27
N ALA B 122 14.13 -11.58 3.97
CA ALA B 122 15.46 -11.92 3.47
C ALA B 122 16.51 -10.91 3.96
N ASN B 123 16.18 -9.62 3.89
CA ASN B 123 17.10 -8.62 4.38
C ASN B 123 17.27 -8.66 5.88
N LYS B 124 16.20 -8.96 6.62
CA LYS B 124 16.31 -9.09 8.09
C LYS B 124 17.21 -10.26 8.45
N ALA B 125 17.17 -11.33 7.66
CA ALA B 125 18.04 -12.47 7.92
C ALA B 125 19.50 -12.20 7.56
N LEU B 126 19.70 -11.53 6.43
CA LEU B 126 21.05 -11.14 6.02
C LEU B 126 21.68 -10.23 7.09
N LEU B 127 20.90 -9.30 7.61
CA LEU B 127 21.42 -8.34 8.59
C LEU B 127 21.65 -9.01 9.94
N LEU B 128 20.83 -10.00 10.26
CA LEU B 128 21.04 -10.77 11.50
C LEU B 128 22.32 -11.57 11.43
N LYS B 129 22.53 -12.26 10.33
CA LYS B 129 23.74 -13.05 10.17
C LYS B 129 24.97 -12.17 10.27
N MET B 130 24.94 -11.04 9.59
CA MET B 130 26.04 -10.10 9.68
C MET B 130 26.21 -9.63 11.12
N ALA B 131 25.10 -9.27 11.76
CA ALA B 131 25.17 -8.73 13.11
C ALA B 131 25.84 -9.72 14.06
N GLN B 132 25.56 -11.00 13.90
CA GLN B 132 26.11 -11.98 14.82
C GLN B 132 27.54 -12.35 14.51
N GLU B 133 28.09 -11.75 13.44
CA GLU B 133 29.51 -11.79 13.19
C GLU B 133 30.26 -10.53 13.72
N VAL B 134 29.50 -9.61 14.30
CA VAL B 134 30.06 -8.35 14.84
C VAL B 134 29.92 -8.33 16.35
N VAL B 135 28.78 -8.80 16.84
CA VAL B 135 28.50 -8.90 18.27
C VAL B 135 28.19 -10.35 18.67
N HIS B 136 28.25 -10.59 19.97
CA HIS B 136 28.00 -11.92 20.51
C HIS B 136 26.57 -12.41 20.32
N THR B 137 25.61 -11.55 20.65
CA THR B 137 24.20 -11.88 20.51
C THR B 137 23.48 -10.73 19.83
N ALA B 138 22.66 -11.06 18.85
CA ALA B 138 21.91 -10.04 18.14
C ALA B 138 20.51 -10.49 17.81
N LEU B 139 19.63 -9.52 17.70
CA LEU B 139 18.28 -9.75 17.29
C LEU B 139 17.93 -8.60 16.33
N VAL B 140 17.24 -8.89 15.22
CA VAL B 140 16.81 -7.85 14.30
C VAL B 140 15.30 -7.78 14.39
N VAL B 141 14.76 -6.57 14.60
CA VAL B 141 13.32 -6.36 14.75
C VAL B 141 12.90 -5.21 13.85
N SER B 142 11.61 -5.07 13.61
CA SER B 142 11.07 -3.96 12.84
C SER B 142 11.01 -2.70 13.69
N GLU B 143 11.12 -1.54 13.02
CA GLU B 143 11.00 -0.26 13.70
C GLU B 143 9.73 -0.16 14.56
N PRO B 144 8.54 -0.44 13.99
CA PRO B 144 7.36 -0.31 14.85
C PRO B 144 7.37 -1.20 16.07
N PHE B 145 7.97 -2.39 15.97
CA PHE B 145 8.07 -3.23 17.16
C PHE B 145 8.93 -2.59 18.25
N MET B 146 10.11 -2.07 17.88
CA MET B 146 11.04 -1.34 18.77
C MET B 146 10.32 -0.23 19.53
N VAL B 147 9.61 0.57 18.76
CA VAL B 147 8.90 1.74 19.28
C VAL B 147 7.83 1.28 20.28
N GLY B 148 7.02 0.29 19.89
CA GLY B 148 5.96 -0.21 20.74
C GLY B 148 6.51 -0.79 22.04
N TYR B 149 7.62 -1.51 21.91
CA TYR B 149 8.21 -2.17 23.05
C TYR B 149 8.65 -1.19 24.11
N GLY B 150 9.25 -0.09 23.68
CA GLY B 150 9.71 0.93 24.61
C GLY B 150 8.58 1.60 25.36
N LEU B 151 7.37 1.53 24.81
CA LEU B 151 6.16 2.04 25.47
C LEU B 151 5.32 0.95 26.17
N ASP B 152 5.87 -0.25 26.25
CA ASP B 152 5.15 -1.42 26.78
C ASP B 152 3.87 -1.67 25.99
N LYS B 153 3.93 -1.40 24.70
CA LYS B 153 2.80 -1.63 23.81
C LYS B 153 3.28 -2.58 22.73
N LEU B 154 3.27 -3.88 23.07
CA LEU B 154 3.79 -4.96 22.24
C LEU B 154 2.73 -5.65 21.42
N ILE B 155 1.50 -5.57 21.91
CA ILE B 155 0.43 -6.38 21.40
C ILE B 155 -0.83 -5.53 21.54
N ASN B 156 -1.84 -5.85 20.74
CA ASN B 156 -3.08 -5.06 20.66
C ASN B 156 -2.75 -3.58 20.51
N THR B 157 -1.93 -3.25 19.50
CA THR B 157 -1.32 -1.93 19.34
C THR B 157 -1.27 -1.56 17.86
N ILE B 158 -1.49 -0.29 17.55
CA ILE B 158 -1.32 0.20 16.18
C ILE B 158 -0.32 1.35 16.20
N ILE B 159 0.77 1.19 15.44
CA ILE B 159 1.78 2.21 15.29
C ILE B 159 1.59 2.95 13.97
N VAL B 160 1.43 4.27 14.05
CA VAL B 160 1.35 5.13 12.88
C VAL B 160 2.61 5.96 12.77
N ASP B 161 3.49 5.65 11.83
CA ASP B 161 4.79 6.28 11.73
C ASP B 161 4.82 7.23 10.53
N ILE B 162 4.65 8.51 10.82
CA ILE B 162 4.54 9.52 9.77
C ILE B 162 5.92 10.09 9.46
N GLY B 163 6.47 9.70 8.31
CA GLY B 163 7.75 10.23 7.88
C GLY B 163 7.63 11.23 6.75
N ALA B 164 8.62 11.24 5.88
CA ALA B 164 8.69 12.18 4.77
C ALA B 164 8.00 11.63 3.54
N GLY B 165 8.41 10.44 3.11
CA GLY B 165 7.87 9.84 1.90
C GLY B 165 6.70 8.92 2.12
N THR B 166 6.64 8.28 3.29
CA THR B 166 5.57 7.38 3.61
C THR B 166 5.10 7.53 5.06
N THR B 167 3.82 7.18 5.26
CA THR B 167 3.25 6.93 6.58
C THR B 167 3.13 5.42 6.65
N ASP B 168 3.84 4.83 7.60
CA ASP B 168 3.86 3.40 7.78
C ASP B 168 3.06 3.01 8.99
N ILE B 169 2.04 2.20 8.76
CA ILE B 169 1.10 1.83 9.80
C ILE B 169 1.17 0.33 10.04
N CYS B 170 1.35 -0.04 11.31
CA CYS B 170 1.59 -1.44 11.70
C CYS B 170 0.67 -1.84 12.84
N ALA B 171 -0.07 -2.94 12.70
CA ALA B 171 -0.72 -3.56 13.85
C ALA B 171 0.26 -4.53 14.50
N LEU B 172 0.45 -4.42 15.80
CA LEU B 172 1.30 -5.34 16.55
C LEU B 172 0.40 -6.34 17.24
N LYS B 173 0.64 -7.63 16.99
CA LYS B 173 -0.22 -8.70 17.52
C LYS B 173 0.64 -9.79 18.17
N GLY B 174 0.06 -10.98 18.37
CA GLY B 174 0.79 -12.11 18.95
C GLY B 174 2.20 -12.32 18.40
N THR B 175 2.44 -11.82 17.19
CA THR B 175 3.75 -11.59 16.56
C THR B 175 3.66 -12.18 15.15
N VAL B 176 4.59 -11.78 14.30
CA VAL B 176 4.69 -12.26 12.93
C VAL B 176 3.56 -11.62 12.13
N PRO B 177 3.79 -10.39 11.65
CA PRO B 177 2.76 -9.65 10.92
C PRO B 177 2.20 -10.41 9.70
N GLY B 178 0.87 -10.48 9.62
CA GLY B 178 0.22 -10.95 8.41
C GLY B 178 0.30 -9.87 7.35
N PRO B 179 0.02 -10.22 6.08
CA PRO B 179 0.19 -9.25 5.01
C PRO B 179 -0.64 -7.98 5.26
N GLU B 180 -1.84 -8.16 5.79
CA GLU B 180 -2.76 -7.02 5.98
C GLU B 180 -2.48 -6.22 7.26
N ASP B 181 -1.49 -6.64 8.05
CA ASP B 181 -1.17 -5.95 9.30
C ASP B 181 -0.22 -4.76 9.10
N GLN B 182 0.16 -4.52 7.85
CA GLN B 182 0.95 -3.33 7.49
C GLN B 182 0.41 -2.58 6.29
N VAL B 183 0.37 -1.27 6.42
CA VAL B 183 -0.25 -0.39 5.45
C VAL B 183 0.76 0.71 5.24
N THR B 184 1.09 0.97 3.99
CA THR B 184 2.00 2.02 3.60
C THR B 184 1.20 3.04 2.84
N LEU B 185 1.15 4.26 3.38
CA LEU B 185 0.48 5.38 2.74
C LEU B 185 1.52 6.27 2.11
N THR B 186 1.22 6.82 0.94
CA THR B 186 2.15 7.74 0.30
C THR B 186 1.90 9.18 0.78
N LYS B 187 0.83 9.40 1.51
CA LYS B 187 0.60 10.74 2.09
C LYS B 187 1.34 10.87 3.40
N ALA B 188 2.35 11.72 3.42
CA ALA B 188 3.19 11.92 4.60
C ALA B 188 3.75 13.33 4.52
N GLY B 189 4.94 13.58 5.10
CA GLY B 189 5.48 14.93 5.22
C GLY B 189 5.65 15.68 3.92
N ASN B 190 6.16 15.00 2.91
CA ASN B 190 6.37 15.64 1.61
C ASN B 190 5.05 16.10 0.98
N TYR B 191 4.04 15.25 1.12
CA TYR B 191 2.70 15.57 0.69
C TYR B 191 2.14 16.78 1.42
N VAL B 192 2.36 16.81 2.73
CA VAL B 192 1.90 17.98 3.48
C VAL B 192 2.58 19.25 2.94
N ASP B 193 3.86 19.16 2.64
CA ASP B 193 4.58 20.32 2.09
C ASP B 193 3.93 20.81 0.79
N GLU B 194 3.55 19.88 -0.08
CA GLU B 194 2.95 20.27 -1.36
C GLU B 194 1.59 20.86 -1.16
N ARG B 195 0.82 20.26 -0.28
CA ARG B 195 -0.48 20.80 0.07
C ARG B 195 -0.38 22.21 0.65
N LEU B 196 0.62 22.42 1.50
CA LEU B 196 0.77 23.69 2.18
C LEU B 196 1.22 24.74 1.16
N GLN B 197 2.18 24.37 0.32
CA GLN B 197 2.56 25.25 -0.78
C GLN B 197 1.33 25.75 -1.56
N ASN B 198 0.45 24.84 -1.94
CA ASN B 198 -0.67 25.23 -2.76
C ASN B 198 -1.80 25.92 -1.98
N ALA B 199 -1.94 25.62 -0.70
CA ALA B 199 -2.93 26.34 0.09
C ALA B 199 -2.45 27.79 0.31
N ILE B 200 -1.15 27.97 0.52
CA ILE B 200 -0.60 29.31 0.63
C ILE B 200 -0.81 30.06 -0.69
N LEU B 201 -0.45 29.45 -1.81
CA LEU B 201 -0.52 30.18 -3.09
C LEU B 201 -1.94 30.51 -3.53
N GLU B 202 -2.93 29.70 -3.14
CA GLU B 202 -4.33 30.07 -3.39
C GLU B 202 -4.67 31.42 -2.76
N ARG B 203 -4.21 31.63 -1.53
CA ARG B 203 -4.56 32.85 -0.78
C ARG B 203 -3.60 34.03 -1.08
N HIS B 204 -2.38 33.68 -1.45
CA HIS B 204 -1.27 34.64 -1.63
C HIS B 204 -0.54 34.39 -2.94
N PRO B 205 -1.20 34.65 -4.08
CA PRO B 205 -0.62 34.20 -5.35
C PRO B 205 0.67 34.92 -5.73
N GLU B 206 0.99 36.02 -5.04
CA GLU B 206 2.19 36.81 -5.36
C GLU B 206 3.46 36.30 -4.68
N LEU B 207 3.34 35.37 -3.74
CA LEU B 207 4.49 34.90 -3.00
C LEU B 207 5.39 34.01 -3.85
N GLN B 208 6.70 34.07 -3.59
CA GLN B 208 7.62 33.12 -4.19
C GLN B 208 7.70 31.90 -3.28
N MET B 209 7.19 30.77 -3.77
CA MET B 209 7.01 29.59 -2.95
C MET B 209 7.67 28.38 -3.58
N ASN B 210 8.12 27.47 -2.74
CA ASN B 210 8.47 26.12 -3.18
C ASN B 210 8.26 25.19 -1.98
N VAL B 211 8.45 23.88 -2.13
CA VAL B 211 8.18 22.98 -1.02
C VAL B 211 9.16 23.10 0.13
N ASN B 212 10.35 23.62 -0.12
CA ASN B 212 11.28 23.89 0.97
C ASN B 212 10.77 25.01 1.92
N VAL B 213 10.22 26.06 1.35
CA VAL B 213 9.62 27.12 2.16
C VAL B 213 8.41 26.52 2.91
N ALA B 214 7.59 25.78 2.19
CA ALA B 214 6.40 25.19 2.81
C ALA B 214 6.79 24.27 3.96
N CYS B 215 7.86 23.50 3.76
CA CYS B 215 8.34 22.62 4.80
C CYS B 215 8.76 23.39 6.04
N ALA B 216 9.42 24.54 5.87
CA ALA B 216 9.83 25.32 7.01
C ALA B 216 8.63 25.85 7.77
N VAL B 217 7.65 26.39 7.06
CA VAL B 217 6.39 26.85 7.68
C VAL B 217 5.76 25.73 8.49
N LYS B 218 5.64 24.54 7.86
CA LYS B 218 5.07 23.37 8.51
C LYS B 218 5.83 22.98 9.78
N GLU B 219 7.15 22.94 9.73
CA GLU B 219 7.91 22.49 10.89
C GLU B 219 7.81 23.50 12.03
N GLN B 220 7.57 24.76 11.69
CA GLN B 220 7.40 25.76 12.72
C GLN B 220 6.01 25.75 13.38
N PHE B 221 4.97 25.51 12.58
CA PHE B 221 3.61 25.78 12.98
C PHE B 221 2.63 24.59 12.89
N SER B 222 3.09 23.40 12.49
CA SER B 222 2.11 22.36 12.15
C SER B 222 1.07 22.08 13.25
N PHE B 223 -0.17 21.93 12.84
CA PHE B 223 -1.24 21.56 13.76
C PHE B 223 -2.42 21.06 12.99
N VAL B 224 -3.28 20.33 13.72
CA VAL B 224 -4.59 19.94 13.27
C VAL B 224 -5.55 20.38 14.37
N GLY B 225 -6.84 20.50 14.03
CA GLY B 225 -7.84 20.89 15.01
C GLY B 225 -7.84 22.38 15.19
N THR B 226 -8.15 22.81 16.39
CA THR B 226 -8.33 24.22 16.66
C THR B 226 -7.02 24.94 16.75
N PRO B 227 -6.89 26.08 16.05
CA PRO B 227 -5.64 26.85 16.22
C PRO B 227 -5.33 27.30 17.65
N THR B 228 -4.05 27.28 18.00
CA THR B 228 -3.56 27.69 19.31
C THR B 228 -2.59 28.84 19.20
N GLU B 229 -2.37 29.32 17.98
CA GLU B 229 -1.55 30.50 17.76
C GLU B 229 -1.84 31.07 16.38
N VAL B 230 -1.11 32.13 16.04
CA VAL B 230 -1.17 32.73 14.72
C VAL B 230 0.11 32.31 13.97
N ALA B 231 -0.06 31.57 12.88
CA ALA B 231 1.06 31.14 12.06
C ALA B 231 1.44 32.25 11.09
N SER B 232 2.14 33.27 11.62
CA SER B 232 2.59 34.41 10.82
C SER B 232 4.02 34.13 10.40
N PHE B 233 4.28 34.21 9.10
CA PHE B 233 5.57 33.78 8.56
C PHE B 233 6.05 34.82 7.54
N GLU B 234 7.35 35.06 7.50
CA GLU B 234 7.92 36.01 6.54
C GLU B 234 8.32 35.31 5.24
N PHE B 235 7.61 35.63 4.18
CA PHE B 235 7.84 35.08 2.86
C PHE B 235 8.62 36.08 2.00
N ARG B 236 8.91 35.69 0.77
CA ARG B 236 9.37 36.61 -0.27
C ARG B 236 8.30 36.82 -1.35
N ALA B 237 8.15 38.05 -1.77
CA ALA B 237 7.32 38.40 -2.93
C ALA B 237 8.11 39.36 -3.81
N ALA B 238 8.37 38.99 -5.07
CA ALA B 238 9.20 39.82 -5.97
C ALA B 238 10.45 40.31 -5.29
N GLY B 239 11.06 39.44 -4.51
CA GLY B 239 12.33 39.74 -3.88
C GLY B 239 12.28 40.49 -2.57
N LYS B 240 11.06 40.82 -2.10
CA LYS B 240 10.87 41.58 -0.87
C LYS B 240 10.23 40.75 0.24
N PRO B 241 10.60 41.01 1.49
CA PRO B 241 9.99 40.27 2.60
C PRO B 241 8.53 40.67 2.79
N VAL B 242 7.64 39.68 2.87
CA VAL B 242 6.23 39.94 3.08
C VAL B 242 5.69 38.97 4.13
N ARG B 243 5.07 39.51 5.17
CA ARG B 243 4.56 38.68 6.27
C ARG B 243 3.16 38.26 5.90
N ALA B 244 2.87 36.97 6.07
CA ALA B 244 1.50 36.51 5.84
C ALA B 244 1.07 35.58 6.96
N ASP B 245 -0.20 35.70 7.34
CA ASP B 245 -0.79 34.79 8.31
C ASP B 245 -1.28 33.54 7.58
N VAL B 246 -0.61 32.40 7.78
CA VAL B 246 -0.95 31.18 7.04
C VAL B 246 -1.49 30.06 7.97
N THR B 247 -2.13 30.50 9.05
CA THR B 247 -2.75 29.59 10.00
C THR B 247 -3.71 28.62 9.33
N GLU B 248 -4.61 29.13 8.49
CA GLU B 248 -5.60 28.27 7.86
C GLU B 248 -4.94 27.33 6.82
N PRO B 249 -4.03 27.86 5.96
CA PRO B 249 -3.31 26.91 5.10
C PRO B 249 -2.55 25.80 5.86
N VAL B 250 -2.00 26.09 7.02
CA VAL B 250 -1.28 25.05 7.78
C VAL B 250 -2.28 23.98 8.24
N LYS B 251 -3.42 24.42 8.79
CA LYS B 251 -4.49 23.52 9.19
C LYS B 251 -4.94 22.63 8.06
N ILE B 252 -5.23 23.25 6.92
CA ILE B 252 -5.67 22.51 5.75
C ILE B 252 -4.67 21.43 5.35
N ALA B 253 -3.42 21.83 5.18
CA ALA B 253 -2.38 20.90 4.76
C ALA B 253 -2.12 19.76 5.72
N CYS B 254 -2.09 20.04 7.01
CA CYS B 254 -1.86 18.97 7.97
C CYS B 254 -3.08 18.07 8.08
N GLU B 255 -4.28 18.64 8.06
CA GLU B 255 -5.48 17.81 8.18
C GLU B 255 -5.70 16.95 6.91
N ALA B 256 -5.17 17.41 5.79
CA ALA B 256 -5.25 16.63 4.51
C ALA B 256 -4.61 15.24 4.63
N LEU B 257 -3.72 15.11 5.59
CA LEU B 257 -3.07 13.85 5.90
C LEU B 257 -3.97 12.85 6.57
N MET B 258 -4.93 13.32 7.34
CA MET B 258 -5.56 12.52 8.36
C MET B 258 -6.64 11.53 7.88
N PRO B 259 -7.44 11.87 6.85
CA PRO B 259 -8.48 10.88 6.48
C PRO B 259 -7.95 9.48 6.18
N ASP B 260 -6.88 9.37 5.40
CA ASP B 260 -6.31 8.06 5.09
C ASP B 260 -5.75 7.32 6.32
N ILE B 261 -5.19 8.09 7.23
CA ILE B 261 -4.66 7.55 8.46
C ILE B 261 -5.79 7.03 9.32
N ILE B 262 -6.88 7.82 9.48
CA ILE B 262 -8.03 7.37 10.26
C ILE B 262 -8.67 6.14 9.65
N GLU B 263 -8.81 6.13 8.33
CA GLU B 263 -9.42 4.99 7.66
C GLU B 263 -8.56 3.74 7.87
N SER B 264 -7.25 3.89 7.79
CA SER B 264 -6.33 2.76 7.96
C SER B 264 -6.35 2.24 9.40
N ILE B 265 -6.41 3.15 10.35
CA ILE B 265 -6.58 2.73 11.75
C ILE B 265 -7.86 1.92 11.90
N GLU B 266 -8.96 2.44 11.37
CA GLU B 266 -10.25 1.79 11.46
C GLU B 266 -10.23 0.37 10.89
N THR B 267 -9.57 0.21 9.75
CA THR B 267 -9.44 -1.09 9.12
C THR B 267 -8.56 -2.06 9.94
N LEU B 268 -7.43 -1.58 10.44
CA LEU B 268 -6.58 -2.44 11.27
C LEU B 268 -7.29 -2.77 12.57
N LEU B 269 -8.12 -1.86 13.04
CA LEU B 269 -8.81 -2.08 14.28
C LEU B 269 -9.78 -3.26 14.15
N ARG B 270 -10.47 -3.34 13.01
CA ARG B 270 -11.47 -4.40 12.79
C ARG B 270 -10.83 -5.77 12.56
N SER B 271 -9.54 -5.79 12.28
CA SER B 271 -8.82 -7.07 12.14
C SER B 271 -8.44 -7.68 13.49
N PHE B 272 -8.58 -6.93 14.57
CA PHE B 272 -8.33 -7.50 15.90
C PHE B 272 -9.57 -8.26 16.34
N GLN B 273 -9.38 -9.37 17.06
CA GLN B 273 -10.49 -10.03 17.73
C GLN B 273 -11.29 -8.97 18.45
N PRO B 274 -12.63 -9.04 18.36
CA PRO B 274 -13.50 -7.96 18.86
C PRO B 274 -13.35 -7.62 20.35
N GLU B 275 -13.00 -8.59 21.17
CA GLU B 275 -12.94 -8.33 22.62
C GLU B 275 -11.70 -7.51 22.98
N TYR B 276 -10.74 -7.46 22.05
CA TYR B 276 -9.50 -6.72 22.27
C TYR B 276 -9.48 -5.35 21.63
N GLN B 277 -10.57 -4.98 20.95
CA GLN B 277 -10.59 -3.72 20.20
C GLN B 277 -10.60 -2.48 21.09
N ASP B 278 -11.25 -2.49 22.26
CA ASP B 278 -11.17 -1.30 23.11
C ASP B 278 -9.76 -1.09 23.66
N THR B 279 -9.07 -2.19 23.91
CA THR B 279 -7.68 -2.17 24.31
C THR B 279 -6.82 -1.51 23.23
N VAL B 280 -7.07 -1.88 21.97
CA VAL B 280 -6.30 -1.33 20.87
C VAL B 280 -6.50 0.16 20.83
N LEU B 281 -7.72 0.62 21.12
CA LEU B 281 -7.99 2.05 21.13
C LEU B 281 -7.22 2.81 22.23
N GLN B 282 -6.63 2.11 23.19
CA GLN B 282 -5.78 2.76 24.17
C GLN B 282 -4.31 2.72 23.76
N ASN B 283 -4.03 1.98 22.69
CA ASN B 283 -2.66 1.72 22.24
C ASN B 283 -2.43 2.16 20.78
N ILE B 284 -3.02 3.28 20.39
CA ILE B 284 -2.71 3.95 19.13
C ILE B 284 -1.51 4.82 19.36
N VAL B 285 -0.43 4.63 18.61
CA VAL B 285 0.79 5.39 18.83
C VAL B 285 1.20 6.10 17.56
N PHE B 286 1.53 7.39 17.68
CA PHE B 286 2.05 8.11 16.54
C PHE B 286 3.53 8.32 16.74
N ALA B 287 4.26 8.02 15.67
CA ALA B 287 5.72 8.09 15.63
C ALA B 287 6.19 8.84 14.41
N GLY B 288 7.51 8.99 14.27
CA GLY B 288 8.07 9.69 13.14
C GLY B 288 8.01 11.21 13.27
N GLY B 289 8.58 11.92 12.31
CA GLY B 289 8.63 13.37 12.42
C GLY B 289 7.24 14.00 12.43
N GLY B 290 6.34 13.42 11.66
CA GLY B 290 4.97 13.90 11.61
C GLY B 290 4.17 13.77 12.89
N SER B 291 4.65 12.97 13.84
CA SER B 291 3.97 12.85 15.11
C SER B 291 4.11 14.13 15.92
N ARG B 292 4.98 15.03 15.47
CA ARG B 292 5.16 16.33 16.12
C ARG B 292 4.04 17.33 15.79
N ILE B 293 3.20 17.00 14.81
CA ILE B 293 2.11 17.90 14.47
C ILE B 293 1.22 18.17 15.70
N ARG B 294 1.01 19.44 16.04
CA ARG B 294 0.26 19.79 17.24
C ARG B 294 -1.20 19.33 17.17
N GLY B 295 -1.72 18.82 18.27
CA GLY B 295 -3.14 18.51 18.36
C GLY B 295 -3.49 17.15 17.79
N LEU B 296 -2.47 16.38 17.40
CA LEU B 296 -2.71 15.07 16.79
C LEU B 296 -3.56 14.17 17.64
N ALA B 297 -3.13 13.93 18.88
CA ALA B 297 -3.83 13.03 19.77
C ALA B 297 -5.29 13.39 19.92
N ALA B 298 -5.60 14.65 20.18
CA ALA B 298 -6.99 15.05 20.40
C ALA B 298 -7.83 14.90 19.16
N TYR B 299 -7.22 15.17 18.02
CA TYR B 299 -7.92 15.09 16.76
C TYR B 299 -8.33 13.65 16.47
N VAL B 300 -7.39 12.73 16.63
CA VAL B 300 -7.63 11.32 16.34
C VAL B 300 -8.64 10.75 17.31
N LYS B 301 -8.57 11.20 18.56
CA LYS B 301 -9.55 10.80 19.56
C LYS B 301 -10.97 11.15 19.12
N GLU B 302 -11.13 12.36 18.63
CA GLU B 302 -12.43 12.81 18.19
C GLU B 302 -12.90 11.99 16.99
N LYS B 303 -12.01 11.76 16.02
CA LYS B 303 -12.38 10.99 14.85
C LYS B 303 -12.77 9.55 15.21
N LEU B 304 -12.20 8.99 16.28
CA LEU B 304 -12.44 7.57 16.60
C LEU B 304 -13.62 7.31 17.56
N ARG B 305 -14.35 8.36 17.93
CA ARG B 305 -15.48 8.25 18.85
C ARG B 305 -16.53 7.20 18.47
N PRO B 306 -16.78 7.01 17.16
CA PRO B 306 -17.68 5.91 16.76
C PRO B 306 -17.22 4.55 17.25
N PHE B 307 -15.94 4.40 17.53
CA PHE B 307 -15.40 3.10 17.92
C PHE B 307 -15.14 2.96 19.41
N GLY B 308 -15.17 4.08 20.12
CA GLY B 308 -14.90 4.09 21.54
C GLY B 308 -14.15 5.33 21.98
N ASP B 309 -13.52 5.25 23.14
CA ASP B 309 -12.82 6.38 23.76
C ASP B 309 -11.31 6.17 23.70
N ALA B 310 -10.69 6.62 22.61
CA ALA B 310 -9.30 6.30 22.33
C ALA B 310 -8.27 7.17 23.09
N ASN B 311 -7.14 6.55 23.46
CA ASN B 311 -6.01 7.21 24.14
C ASN B 311 -4.81 7.22 23.21
N VAL B 312 -4.65 8.28 22.45
CA VAL B 312 -3.61 8.33 21.46
C VAL B 312 -2.35 8.87 22.12
N THR B 313 -1.25 8.18 21.87
CA THR B 313 0.07 8.49 22.41
C THR B 313 1.02 8.90 21.27
N CYS B 314 1.70 10.02 21.42
CA CYS B 314 2.75 10.37 20.48
C CYS B 314 4.12 10.12 21.09
N VAL B 315 5.07 9.60 20.33
CA VAL B 315 6.41 9.39 20.89
C VAL B 315 7.00 10.74 21.32
N LYS B 316 7.78 10.72 22.39
CA LYS B 316 8.41 11.96 22.88
C LYS B 316 9.61 12.38 22.07
N ASP B 317 10.30 11.40 21.52
CA ASP B 317 11.58 11.62 20.88
C ASP B 317 11.72 10.74 19.65
N PRO B 318 11.28 11.24 18.49
CA PRO B 318 11.35 10.40 17.28
C PRO B 318 12.75 9.97 16.94
N THR B 319 13.77 10.71 17.37
CA THR B 319 15.13 10.31 17.01
C THR B 319 15.60 9.04 17.75
N PHE B 320 15.28 8.97 19.03
CA PHE B 320 15.87 7.96 19.91
C PHE B 320 14.87 7.00 20.57
N ASP B 321 13.57 7.18 20.40
CA ASP B 321 12.64 6.30 21.11
C ASP B 321 12.67 4.88 20.58
N GLY B 322 12.95 4.69 19.30
CA GLY B 322 13.12 3.34 18.77
C GLY B 322 14.32 2.66 19.42
N CYS B 323 15.45 3.37 19.41
CA CYS B 323 16.62 3.03 20.20
C CYS B 323 16.37 2.57 21.60
N ARG B 324 15.62 3.41 22.29
CA ARG B 324 15.30 3.16 23.69
C ARG B 324 14.59 1.85 23.86
N GLY B 325 13.66 1.59 22.95
CA GLY B 325 12.89 0.35 22.99
C GLY B 325 13.76 -0.85 22.68
N ALA B 326 14.63 -0.71 21.68
CA ALA B 326 15.58 -1.78 21.32
C ALA B 326 16.50 -2.11 22.48
N LEU B 327 16.98 -1.08 23.15
CA LEU B 327 17.87 -1.28 24.28
C LEU B 327 17.16 -2.00 25.43
N ARG B 328 15.90 -1.64 25.68
CA ARG B 328 15.14 -2.29 26.74
C ARG B 328 14.91 -3.73 26.40
N LEU B 329 14.57 -3.99 25.14
CA LEU B 329 14.36 -5.37 24.72
C LEU B 329 15.63 -6.17 24.98
N ALA B 330 16.77 -5.56 24.66
CA ALA B 330 18.06 -6.23 24.73
C ALA B 330 18.36 -6.64 26.15
N GLU B 331 18.02 -5.76 27.09
CA GLU B 331 18.27 -6.01 28.51
C GLU B 331 17.29 -7.01 29.10
N GLU B 332 16.09 -7.11 28.50
CA GLU B 332 14.94 -7.73 29.15
C GLU B 332 14.51 -9.06 28.53
#